data_9JRO
#
_entry.id   9JRO
#
_cell.length_a   1.00
_cell.length_b   1.00
_cell.length_c   1.00
_cell.angle_alpha   90.00
_cell.angle_beta   90.00
_cell.angle_gamma   90.00
#
_symmetry.space_group_name_H-M   'P 1'
#
loop_
_entity.id
_entity.type
_entity.pdbx_description
1 polymer 'Heavy chain of Fab fragment'
2 polymer 'Light chain of Fab fragment'
3 polymer Nb
4 polymer 'GFP-like fluorescent chromoprotein,Prostaglandin E2 receptor EP2 subtype,Soluble cytochrome b562,Prostaglandin E2 receptor EP2 subtype,Soluble cytochrome b562'
5 non-polymer PF-04418948
#
loop_
_entity_poly.entity_id
_entity_poly.type
_entity_poly.pdbx_seq_one_letter_code
_entity_poly.pdbx_strand_id
1 'polypeptide(L)'
;MEVQLVESGGGLVQPGGSLRLSCAASGFNVRSFSIHWVRQAPGKGLEWVAYISSSSGSTSYADSVKGRFTISADTSKNTA
YLQMNSLRAEDTAVYYCARWGYWPGEPWWKAFDYWGQGTLVTVSSASTKGPSVFPLAPSSKSTSGGTAALGCLVKDYFPE
PVTVSWNSGALTSGVHTFPAVLQSSGLYSLSSVVTVPSSSLGTQTYICNVNHKPSNTKVDKKVEPKS
;
H
2 'polypeptide(L)'
;MDIQMTQSPSSLSASVGDRVTITCRASQSVSSAVAWYQQKPGKAPKLLIYSASSLYSGVPSRFSGSRSGTDFTLTISSLQ
PEDFATYYCQQYLYYSLVTFGQGTKVEIKRTVAAPSVFIFPPSDSQLKSGTASVVCLLNNFYPREAKVQWKVDNALQSGN
SQESVTEQDSKDSTYSLSSTLTLSKADYEKHKVYACEVTHQGLSSPVTKSFNRG
;
L
3 'polypeptide(L)'
;GSQVQLQESGGGLVQPGGSLRLSCAASGRTISRYAMSWFRQAPGKEREFVAVARRSGDGAFYADSVQGRFTVSRDDAKTV
YLQMNSLKPEDTAVYYCAIDSDTFYSGSYDYWGQGTQVTVSS
;
N
4 'polypeptide(L)'
;DYKDDDDAKHHHHHHHHHASVIKPEMKIKLRMEGAVNGHKFVIEGEGIGKPYEGTQTLDLTVEEGAPLPFSYDILTPAFQ
YGNRAFTKYPEDIPDYFKQAFPEGYSWERSMTYEDQGICIATSDITMEGDCFFYEIRFDGTNFPPNGPVMQKKTLKWEPS
TEKMYVEDGVLKGDVEMALLLEGGGHYRCDFKTTYKAKKDVRLPDAHEVDHRIEILSHDKDYNKVRLYEHAEARYSGGGS
GGGGSAMGNASNDSQSEDCETRQWLPPGESPAISSVMFSAGVLGNLIALALLARRWRGDVGCSAGRRSSLSLFHVLVTEL
VFTDLLGTCLISPVVLASYARNQTLVALAPESRACTYFAFAMTFFSLATMLMLFAMALERYLSIGHPYFYQRRVSRSGGL
AVLPVIYAVSLLFCSLPLLDYGQYVQYCPGTWCFIRHGRTAYLQLYATLLLLLIVSVLACNFSVILNLIRARRQLADLED
NWETLNDNLKVIEKADNAAQVKDALTKMRAAALDAQKGGSGGRSPEMKDFRHGFDILVGQIDDALKLANEGKVKEAQAAA
EQLKTTRNAYIQKYLERARSTLAEETDHLILLAIMTITFAVCSLPFTIFAYMNETSSRKEKWDLQALRFLSINSIIDPWV
FAILRPPVLRLMRSVLCCRISLRTQDATQTSCSTQSDASKQADL
;
A
#
# COMPACT_ATOMS: atom_id res chain seq x y z
N GLU A 2 21.78 -17.43 18.59
CA GLU A 2 21.23 -16.43 17.68
C GLU A 2 21.26 -15.04 18.31
N VAL A 3 20.73 -14.06 17.58
CA VAL A 3 20.70 -12.68 18.06
C VAL A 3 19.68 -12.57 19.18
N GLN A 4 20.15 -12.24 20.38
CA GLN A 4 19.29 -12.10 21.55
C GLN A 4 19.70 -10.88 22.35
N LEU A 5 18.70 -10.24 22.97
CA LEU A 5 18.92 -9.07 23.81
C LEU A 5 18.19 -9.28 25.12
N VAL A 6 18.93 -9.30 26.23
CA VAL A 6 18.37 -9.56 27.55
C VAL A 6 18.45 -8.27 28.37
N GLU A 7 17.31 -7.83 28.88
CA GLU A 7 17.24 -6.66 29.75
C GLU A 7 17.23 -7.09 31.21
N SER A 8 17.78 -6.23 32.07
CA SER A 8 17.81 -6.52 33.50
C SER A 8 17.94 -5.20 34.26
N GLY A 9 17.69 -5.27 35.56
CA GLY A 9 17.80 -4.13 36.44
C GLY A 9 16.51 -3.42 36.77
N GLY A 10 15.39 -3.84 36.18
CA GLY A 10 14.13 -3.19 36.45
C GLY A 10 13.49 -3.66 37.75
N GLY A 11 12.53 -2.87 38.21
CA GLY A 11 11.82 -3.20 39.44
C GLY A 11 11.14 -1.96 40.02
N LEU A 12 11.07 -1.92 41.34
CA LEU A 12 10.43 -0.83 42.07
C LEU A 12 11.47 0.19 42.50
N VAL A 13 11.21 1.46 42.19
CA VAL A 13 12.10 2.56 42.56
C VAL A 13 11.27 3.68 43.17
N GLN A 14 11.76 4.22 44.27
CA GLN A 14 11.08 5.34 44.91
C GLN A 14 11.24 6.61 44.08
N PRO A 15 10.26 7.52 44.14
CA PRO A 15 10.36 8.76 43.38
C PRO A 15 11.57 9.59 43.81
N GLY A 16 12.24 10.20 42.83
CA GLY A 16 13.43 10.97 43.08
C GLY A 16 14.72 10.16 43.18
N GLY A 17 14.65 8.86 42.98
CA GLY A 17 15.82 8.00 43.06
C GLY A 17 16.47 7.79 41.71
N SER A 18 17.34 6.78 41.66
CA SER A 18 18.08 6.43 40.45
C SER A 18 18.01 4.92 40.23
N LEU A 19 18.01 4.54 38.96
CA LEU A 19 17.95 3.13 38.57
C LEU A 19 18.86 2.88 37.39
N ARG A 20 19.55 1.75 37.39
CA ARG A 20 20.49 1.39 36.34
C ARG A 20 19.96 0.16 35.62
N LEU A 21 19.54 0.33 34.37
CA LEU A 21 19.08 -0.76 33.53
C LEU A 21 20.21 -1.22 32.62
N SER A 22 20.27 -2.53 32.38
CA SER A 22 21.32 -3.13 31.58
C SER A 22 20.71 -3.92 30.44
N CYS A 23 21.34 -3.83 29.27
CA CYS A 23 20.93 -4.58 28.07
C CYS A 23 22.15 -5.33 27.56
N ALA A 24 22.10 -6.65 27.63
CA ALA A 24 23.19 -7.51 27.19
C ALA A 24 22.82 -8.18 25.87
N ALA A 25 23.72 -8.08 24.89
CA ALA A 25 23.52 -8.65 23.57
C ALA A 25 24.30 -9.96 23.43
N SER A 26 23.74 -10.89 22.67
CA SER A 26 24.37 -12.17 22.43
C SER A 26 24.17 -12.55 20.96
N GLY A 27 25.26 -12.88 20.29
CA GLY A 27 25.23 -13.28 18.89
C GLY A 27 25.85 -12.27 17.94
N PHE A 28 26.16 -11.06 18.42
CA PHE A 28 26.76 -10.03 17.58
C PHE A 28 27.55 -9.08 18.47
N ASN A 29 28.18 -8.09 17.84
CA ASN A 29 28.97 -7.09 18.55
C ASN A 29 28.23 -5.76 18.55
N VAL A 30 28.29 -5.06 19.69
CA VAL A 30 27.58 -3.80 19.82
C VAL A 30 28.25 -2.67 19.05
N ARG A 31 29.51 -2.86 18.63
CA ARG A 31 30.21 -1.82 17.89
C ARG A 31 29.78 -1.74 16.43
N SER A 32 28.91 -2.64 15.97
CA SER A 32 28.43 -2.64 14.60
C SER A 32 26.94 -2.31 14.48
N PHE A 33 26.26 -2.09 15.60
CA PHE A 33 24.83 -1.78 15.58
C PHE A 33 24.51 -0.80 16.69
N SER A 34 23.71 0.21 16.37
CA SER A 34 23.28 1.17 17.37
C SER A 34 22.23 0.56 18.28
N ILE A 35 22.28 0.92 19.56
CA ILE A 35 21.40 0.36 20.58
C ILE A 35 20.31 1.37 20.91
N HIS A 36 19.06 0.95 20.81
CA HIS A 36 17.91 1.79 21.08
C HIS A 36 17.09 1.21 22.23
N TRP A 37 16.46 2.09 23.00
CA TRP A 37 15.56 1.71 24.08
C TRP A 37 14.17 2.23 23.77
N VAL A 38 13.16 1.38 23.97
CA VAL A 38 11.77 1.74 23.76
C VAL A 38 11.02 1.54 25.07
N ARG A 39 10.10 2.46 25.36
CA ARG A 39 9.28 2.37 26.56
C ARG A 39 7.82 2.23 26.18
N GLN A 40 7.10 1.39 26.92
CA GLN A 40 5.68 1.14 26.67
C GLN A 40 4.94 1.23 28.00
N ALA A 41 3.98 2.15 28.08
CA ALA A 41 3.17 2.31 29.28
C ALA A 41 2.03 1.29 29.29
N PRO A 42 1.58 0.87 30.47
CA PRO A 42 0.45 -0.05 30.54
C PRO A 42 -0.81 0.58 29.98
N GLY A 43 -1.38 -0.07 28.97
CA GLY A 43 -2.54 0.47 28.28
C GLY A 43 -2.21 1.57 27.31
N LYS A 44 -1.08 1.46 26.62
CA LYS A 44 -0.65 2.47 25.65
C LYS A 44 0.25 1.80 24.62
N GLY A 45 0.88 2.61 23.77
CA GLY A 45 1.74 2.11 22.73
C GLY A 45 3.22 2.23 23.08
N LEU A 46 4.05 2.05 22.05
CA LEU A 46 5.49 2.13 22.20
C LEU A 46 5.97 3.58 22.07
N GLU A 47 7.15 3.84 22.61
CA GLU A 47 7.73 5.18 22.57
C GLU A 47 9.25 5.07 22.70
N TRP A 48 9.97 5.64 21.74
CA TRP A 48 11.42 5.67 21.81
C TRP A 48 11.88 6.67 22.85
N VAL A 49 12.85 6.25 23.68
CA VAL A 49 13.34 7.07 24.78
C VAL A 49 14.81 7.44 24.61
N ALA A 50 15.64 6.49 24.17
CA ALA A 50 17.08 6.76 24.10
C ALA A 50 17.69 5.94 22.98
N TYR A 51 18.81 6.45 22.46
CA TYR A 51 19.56 5.77 21.40
C TYR A 51 21.03 6.11 21.57
N ILE A 52 21.89 5.13 21.29
CA ILE A 52 23.34 5.32 21.35
C ILE A 52 23.96 4.62 20.14
N SER A 53 25.01 5.23 19.60
CA SER A 53 25.79 4.66 18.50
C SER A 53 27.21 4.43 19.00
N SER A 54 27.56 3.18 19.24
CA SER A 54 28.87 2.84 19.77
C SER A 54 29.98 2.96 18.74
N SER A 55 29.64 3.17 17.46
CA SER A 55 30.68 3.33 16.44
C SER A 55 31.33 4.70 16.53
N SER A 56 30.54 5.75 16.72
CA SER A 56 31.04 7.11 16.83
C SER A 56 30.99 7.67 18.23
N GLY A 57 30.06 7.22 19.07
CA GLY A 57 29.94 7.70 20.43
C GLY A 57 28.85 8.71 20.67
N SER A 58 27.99 8.98 19.69
CA SER A 58 26.92 9.95 19.86
C SER A 58 25.71 9.31 20.54
N THR A 59 25.02 10.11 21.34
CA THR A 59 23.83 9.67 22.06
C THR A 59 22.68 10.63 21.77
N SER A 60 21.46 10.14 22.00
CA SER A 60 20.28 10.97 21.81
C SER A 60 19.17 10.46 22.72
N TYR A 61 18.31 11.37 23.14
CA TYR A 61 17.21 11.05 24.03
C TYR A 61 15.94 11.70 23.51
N ALA A 62 14.82 11.36 24.15
CA ALA A 62 13.55 11.95 23.81
C ALA A 62 13.41 13.32 24.46
N ASP A 63 12.57 14.17 23.86
CA ASP A 63 12.41 15.53 24.35
C ASP A 63 11.84 15.57 25.77
N SER A 64 11.02 14.57 26.13
CA SER A 64 10.43 14.54 27.45
C SER A 64 11.41 14.06 28.52
N VAL A 65 12.48 13.36 28.12
CA VAL A 65 13.42 12.77 29.05
C VAL A 65 14.79 13.44 29.00
N LYS A 66 14.92 14.58 28.31
CA LYS A 66 16.20 15.27 28.24
C LYS A 66 16.59 15.81 29.60
N GLY A 67 17.82 15.53 30.01
CA GLY A 67 18.35 16.03 31.28
C GLY A 67 18.18 15.10 32.45
N ARG A 68 17.57 13.93 32.27
CA ARG A 68 17.34 12.99 33.36
C ARG A 68 17.92 11.61 33.12
N PHE A 69 18.04 11.17 31.88
CA PHE A 69 18.55 9.85 31.55
C PHE A 69 19.94 9.97 30.94
N THR A 70 20.77 8.95 31.17
CA THR A 70 22.12 8.91 30.63
C THR A 70 22.41 7.50 30.12
N ILE A 71 22.67 7.38 28.83
CA ILE A 71 22.90 6.08 28.20
C ILE A 71 24.39 5.97 27.86
N SER A 72 24.91 4.74 27.98
CA SER A 72 26.29 4.46 27.67
C SER A 72 26.41 3.03 27.19
N ALA A 73 27.53 2.72 26.53
CA ALA A 73 27.77 1.39 26.01
C ALA A 73 29.19 0.96 26.34
N ASP A 74 29.33 -0.32 26.71
CA ASP A 74 30.63 -0.91 27.03
C ASP A 74 30.92 -2.00 26.00
N THR A 75 31.96 -1.79 25.19
CA THR A 75 32.34 -2.77 24.18
C THR A 75 33.15 -3.91 24.79
N SER A 76 33.87 -3.65 25.90
CA SER A 76 34.61 -4.72 26.56
C SER A 76 33.67 -5.79 27.08
N LYS A 77 32.54 -5.39 27.66
CA LYS A 77 31.51 -6.32 28.09
C LYS A 77 30.41 -6.50 27.06
N ASN A 78 30.40 -5.68 26.01
CA ASN A 78 29.41 -5.78 24.93
C ASN A 78 27.99 -5.66 25.47
N THR A 79 27.70 -4.51 26.07
CA THR A 79 26.40 -4.27 26.67
C THR A 79 26.13 -2.77 26.72
N ALA A 80 24.92 -2.42 27.17
CA ALA A 80 24.50 -1.04 27.30
C ALA A 80 23.93 -0.81 28.69
N TYR A 81 24.19 0.39 29.23
CA TYR A 81 23.73 0.76 30.56
C TYR A 81 23.00 2.10 30.49
N LEU A 82 21.81 2.15 31.05
CA LEU A 82 21.00 3.36 31.10
C LEU A 82 20.75 3.73 32.56
N GLN A 83 21.21 4.91 32.95
CA GLN A 83 21.03 5.43 34.30
C GLN A 83 19.91 6.45 34.29
N MET A 84 18.98 6.33 35.24
CA MET A 84 17.82 7.19 35.34
C MET A 84 17.81 7.85 36.71
N ASN A 85 17.79 9.19 36.73
CA ASN A 85 17.78 9.96 37.95
C ASN A 85 16.57 10.91 37.94
N SER A 86 16.11 11.25 39.14
CA SER A 86 14.95 12.13 39.32
C SER A 86 13.72 11.59 38.57
N LEU A 87 13.33 10.37 38.96
CA LEU A 87 12.21 9.71 38.31
C LEU A 87 10.89 10.35 38.72
N ARG A 88 9.81 9.92 38.07
CA ARG A 88 8.47 10.43 38.32
C ARG A 88 7.47 9.29 38.19
N ALA A 89 6.22 9.59 38.52
CA ALA A 89 5.17 8.58 38.46
C ALA A 89 4.88 8.13 37.04
N GLU A 90 5.24 8.94 36.05
CA GLU A 90 4.98 8.57 34.65
C GLU A 90 5.99 7.53 34.16
N ASP A 91 6.99 7.22 34.98
CA ASP A 91 8.05 6.30 34.56
C ASP A 91 7.71 4.84 34.86
N THR A 92 6.43 4.56 35.13
CA THR A 92 5.96 3.20 35.35
C THR A 92 5.62 2.60 33.98
N ALA A 93 6.50 1.76 33.46
CA ALA A 93 6.34 1.25 32.11
C ALA A 93 7.18 -0.02 31.95
N VAL A 94 7.33 -0.46 30.71
CA VAL A 94 8.16 -1.61 30.36
C VAL A 94 9.16 -1.15 29.31
N TYR A 95 10.44 -1.50 29.52
CA TYR A 95 11.53 -1.09 28.65
C TYR A 95 12.00 -2.27 27.82
N TYR A 96 12.22 -2.03 26.53
CA TYR A 96 12.73 -3.02 25.60
C TYR A 96 13.99 -2.49 24.92
N CYS A 97 14.93 -3.40 24.65
CA CYS A 97 16.19 -3.07 24.02
C CYS A 97 16.21 -3.61 22.60
N ALA A 98 16.74 -2.83 21.67
CA ALA A 98 16.75 -3.23 20.27
C ALA A 98 18.01 -2.71 19.59
N ARG A 99 18.27 -3.24 18.41
CA ARG A 99 19.42 -2.81 17.66
C ARG A 99 18.97 -2.36 16.30
N TRP A 100 19.55 -1.27 15.83
CA TRP A 100 19.24 -0.79 14.51
C TRP A 100 20.58 -0.63 13.83
N GLY A 101 20.69 -1.12 12.60
CA GLY A 101 21.97 -1.08 11.91
C GLY A 101 22.43 0.28 11.42
N TYR A 102 23.72 0.40 11.15
CA TYR A 102 24.26 1.66 10.67
C TYR A 102 23.81 1.93 9.25
N TRP A 103 23.93 3.16 8.78
CA TRP A 103 23.34 3.50 7.47
C TRP A 103 23.79 2.70 6.25
N PRO A 104 25.08 2.47 6.06
CA PRO A 104 25.28 2.00 4.69
C PRO A 104 24.58 0.68 4.41
N GLY A 105 23.64 0.67 3.47
CA GLY A 105 22.99 -0.57 3.11
C GLY A 105 21.81 -1.16 3.86
N GLU A 106 21.59 -2.46 3.72
CA GLU A 106 20.43 -3.14 4.33
C GLU A 106 20.27 -3.13 5.85
N PRO A 107 21.35 -3.21 6.63
CA PRO A 107 21.08 -3.27 8.06
C PRO A 107 20.27 -2.08 8.57
N TRP A 108 20.48 -0.88 8.04
CA TRP A 108 19.67 0.26 8.43
C TRP A 108 18.21 0.06 8.11
N TRP A 109 17.90 -0.47 6.93
CA TRP A 109 16.50 -0.60 6.55
C TRP A 109 15.72 -1.52 7.46
N LYS A 110 16.31 -2.61 7.90
CA LYS A 110 15.64 -3.50 8.83
C LYS A 110 15.68 -2.89 10.22
N ALA A 111 14.76 -1.98 10.51
CA ALA A 111 14.77 -1.30 11.79
C ALA A 111 14.10 -2.15 12.85
N PHE A 112 14.80 -2.37 13.96
CA PHE A 112 14.29 -3.13 15.10
C PHE A 112 13.84 -4.53 14.68
N ASP A 113 14.79 -5.29 14.12
CA ASP A 113 14.47 -6.64 13.67
C ASP A 113 14.37 -7.62 14.84
N TYR A 114 15.09 -7.35 15.93
CA TYR A 114 15.07 -8.21 17.11
C TYR A 114 14.71 -7.37 18.32
N TRP A 115 13.67 -7.78 19.04
CA TRP A 115 13.20 -7.09 20.24
C TRP A 115 13.49 -7.94 21.46
N GLY A 116 14.01 -7.31 22.51
CA GLY A 116 14.30 -7.99 23.75
C GLY A 116 13.06 -8.26 24.57
N GLN A 117 13.26 -8.99 25.67
CA GLN A 117 12.14 -9.34 26.54
C GLN A 117 11.61 -8.12 27.29
N GLY A 118 12.48 -7.19 27.63
CA GLY A 118 12.06 -6.00 28.35
C GLY A 118 11.86 -6.25 29.83
N THR A 119 11.98 -5.18 30.61
CA THR A 119 11.82 -5.25 32.06
C THR A 119 10.85 -4.19 32.53
N LEU A 120 10.19 -4.46 33.64
CA LEU A 120 9.17 -3.57 34.20
C LEU A 120 9.79 -2.62 35.21
N VAL A 121 9.44 -1.34 35.10
CA VAL A 121 9.89 -0.32 36.05
C VAL A 121 8.65 0.34 36.63
N THR A 122 8.63 0.48 37.96
CA THR A 122 7.50 1.06 38.68
C THR A 122 8.02 2.07 39.69
N VAL A 123 7.57 3.31 39.56
CA VAL A 123 7.96 4.40 40.44
C VAL A 123 6.73 4.81 41.24
N SER A 124 6.68 4.39 42.50
CA SER A 124 5.56 4.71 43.37
C SER A 124 6.07 4.81 44.80
N SER A 125 5.56 5.80 45.53
CA SER A 125 5.95 6.05 46.92
C SER A 125 4.87 5.46 47.83
N ALA A 126 5.05 4.20 48.20
CA ALA A 126 4.10 3.52 49.08
C ALA A 126 4.78 2.28 49.66
N SER A 127 4.18 1.77 50.74
CA SER A 127 4.69 0.59 51.41
C SER A 127 3.85 -0.63 51.07
N THR A 128 4.46 -1.80 51.19
CA THR A 128 3.76 -3.04 50.90
C THR A 128 2.69 -3.32 51.96
N LYS A 129 1.54 -3.80 51.51
CA LYS A 129 0.42 -4.09 52.39
C LYS A 129 -0.19 -5.43 51.99
N GLY A 130 -0.65 -6.17 52.99
CA GLY A 130 -1.25 -7.47 52.77
C GLY A 130 -2.55 -7.38 52.01
N PRO A 131 -2.92 -8.47 51.33
CA PRO A 131 -4.16 -8.46 50.54
C PRO A 131 -5.41 -8.51 51.41
N SER A 132 -6.17 -7.42 51.44
CA SER A 132 -7.41 -7.36 52.19
C SER A 132 -8.55 -7.85 51.29
N VAL A 133 -9.04 -9.05 51.55
CA VAL A 133 -10.07 -9.68 50.74
C VAL A 133 -11.44 -9.39 51.34
N PHE A 134 -12.37 -8.96 50.49
CA PHE A 134 -13.74 -8.68 50.91
C PHE A 134 -14.70 -9.47 50.04
N PRO A 135 -15.51 -10.36 50.62
CA PRO A 135 -16.41 -11.19 49.80
C PRO A 135 -17.60 -10.38 49.30
N LEU A 136 -18.10 -10.78 48.13
CA LEU A 136 -19.26 -10.16 47.51
C LEU A 136 -20.39 -11.17 47.47
N ALA A 137 -21.49 -10.87 48.17
CA ALA A 137 -22.61 -11.80 48.24
C ALA A 137 -23.75 -11.34 47.35
N PRO A 138 -24.38 -12.26 46.62
CA PRO A 138 -25.52 -11.87 45.77
C PRO A 138 -26.82 -11.76 46.56
N SER A 139 -27.91 -11.45 45.87
CA SER A 139 -29.21 -11.35 46.53
C SER A 139 -29.72 -12.74 46.90
N SER A 140 -30.62 -12.76 47.89
CA SER A 140 -31.20 -14.03 48.33
C SER A 140 -32.12 -14.62 47.26
N LYS A 141 -32.83 -13.76 46.53
CA LYS A 141 -33.74 -14.25 45.49
C LYS A 141 -32.96 -14.81 44.32
N SER A 142 -31.88 -14.15 43.92
CA SER A 142 -31.06 -14.61 42.81
C SER A 142 -30.24 -15.83 43.18
N GLY A 146 -32.66 -17.66 39.32
CA GLY A 146 -32.04 -18.96 39.11
C GLY A 146 -30.53 -18.94 39.33
N THR A 147 -29.80 -18.50 38.31
CA THR A 147 -28.35 -18.44 38.42
C THR A 147 -27.93 -17.33 39.38
N ALA A 148 -26.81 -17.56 40.07
CA ALA A 148 -26.29 -16.61 41.03
C ALA A 148 -24.82 -16.34 40.73
N ALA A 149 -24.32 -15.23 41.25
CA ALA A 149 -22.94 -14.81 41.05
C ALA A 149 -22.28 -14.54 42.40
N LEU A 150 -21.19 -15.24 42.67
CA LEU A 150 -20.43 -15.09 43.91
C LEU A 150 -19.08 -14.49 43.60
N GLY A 151 -18.72 -13.42 44.32
CA GLY A 151 -17.50 -12.71 44.04
C GLY A 151 -16.70 -12.44 45.29
N CYS A 152 -15.42 -12.16 45.09
CA CYS A 152 -14.49 -11.79 46.16
C CYS A 152 -13.65 -10.62 45.69
N LEU A 153 -13.58 -9.57 46.50
CA LEU A 153 -12.90 -8.33 46.15
C LEU A 153 -11.71 -8.13 47.07
N VAL A 154 -10.51 -8.17 46.49
CA VAL A 154 -9.27 -7.91 47.22
C VAL A 154 -8.90 -6.46 46.99
N LYS A 155 -8.46 -5.78 48.05
CA LYS A 155 -8.11 -4.37 47.97
C LYS A 155 -6.87 -4.10 48.81
N ASP A 156 -6.20 -2.99 48.48
CA ASP A 156 -5.12 -2.44 49.31
C ASP A 156 -3.92 -3.39 49.37
N TYR A 157 -3.43 -3.79 48.21
CA TYR A 157 -2.18 -4.54 48.10
C TYR A 157 -1.27 -3.80 47.13
N PHE A 158 -0.09 -3.42 47.61
CA PHE A 158 0.83 -2.60 46.83
C PHE A 158 1.56 -3.39 45.73
N PRO A 159 2.13 -4.56 46.03
CA PRO A 159 2.81 -5.31 44.96
C PRO A 159 1.84 -5.78 43.89
N GLU A 160 2.33 -5.87 42.66
CA GLU A 160 1.47 -6.22 41.54
C GLU A 160 1.02 -7.68 41.53
N PRO A 161 1.90 -8.70 41.57
CA PRO A 161 1.45 -10.07 41.33
C PRO A 161 0.75 -10.70 42.53
N VAL A 162 -0.51 -11.09 42.35
CA VAL A 162 -1.29 -11.78 43.36
C VAL A 162 -2.09 -12.89 42.67
N THR A 163 -2.35 -13.97 43.40
CA THR A 163 -3.05 -15.12 42.85
C THR A 163 -4.38 -15.29 43.58
N VAL A 164 -5.45 -15.45 42.81
CA VAL A 164 -6.79 -15.68 43.34
C VAL A 164 -7.34 -16.94 42.69
N SER A 165 -7.80 -17.88 43.53
CA SER A 165 -8.36 -19.13 43.06
C SER A 165 -9.65 -19.42 43.79
N TRP A 166 -10.45 -20.34 43.24
CA TRP A 166 -11.73 -20.74 43.82
C TRP A 166 -11.70 -22.22 44.12
N ASN A 167 -12.13 -22.57 45.34
CA ASN A 167 -12.18 -23.97 45.80
C ASN A 167 -10.82 -24.65 45.71
N SER A 168 -9.77 -23.87 45.96
CA SER A 168 -8.38 -24.37 45.92
C SER A 168 -8.06 -24.98 44.56
N GLY A 169 -8.57 -24.37 43.50
CA GLY A 169 -8.33 -24.84 42.15
C GLY A 169 -9.29 -25.89 41.65
N ALA A 170 -10.18 -26.40 42.50
CA ALA A 170 -11.13 -27.42 42.06
C ALA A 170 -12.19 -26.82 41.13
N LEU A 171 -12.68 -25.64 41.45
CA LEU A 171 -13.70 -24.96 40.65
C LEU A 171 -12.99 -23.93 39.78
N THR A 172 -12.85 -24.24 38.49
CA THR A 172 -12.18 -23.36 37.54
C THR A 172 -13.08 -23.01 36.36
N SER A 173 -14.37 -23.28 36.43
CA SER A 173 -15.32 -23.01 35.35
C SER A 173 -16.12 -21.76 35.70
N GLY A 174 -16.13 -20.79 34.77
CA GLY A 174 -16.85 -19.56 34.98
C GLY A 174 -16.17 -18.55 35.87
N VAL A 175 -14.88 -18.71 36.14
CA VAL A 175 -14.12 -17.81 37.00
C VAL A 175 -13.57 -16.69 36.13
N HIS A 176 -13.93 -15.45 36.47
CA HIS A 176 -13.48 -14.27 35.75
C HIS A 176 -12.65 -13.39 36.67
N THR A 177 -11.39 -13.20 36.32
CA THR A 177 -10.46 -12.39 37.11
C THR A 177 -10.15 -11.11 36.34
N PHE A 178 -10.61 -9.98 36.88
CA PHE A 178 -10.39 -8.69 36.24
C PHE A 178 -8.98 -8.18 36.52
N PRO A 179 -8.38 -7.44 35.58
CA PRO A 179 -7.06 -6.87 35.82
C PRO A 179 -7.09 -5.87 36.98
N ALA A 180 -5.96 -5.79 37.68
CA ALA A 180 -5.86 -4.88 38.82
C ALA A 180 -5.90 -3.43 38.36
N VAL A 181 -6.57 -2.58 39.14
CA VAL A 181 -6.69 -1.16 38.85
C VAL A 181 -6.02 -0.38 39.99
N LEU A 182 -5.14 0.54 39.62
CA LEU A 182 -4.44 1.34 40.61
C LEU A 182 -5.32 2.46 41.14
N GLN A 183 -5.40 2.58 42.46
CA GLN A 183 -6.19 3.63 43.08
C GLN A 183 -5.38 4.91 43.22
N SER A 184 -6.04 5.93 43.78
CA SER A 184 -5.38 7.22 43.96
C SER A 184 -4.29 7.15 45.03
N SER A 185 -4.55 6.40 46.11
CA SER A 185 -3.57 6.28 47.18
C SER A 185 -2.35 5.46 46.77
N GLY A 186 -2.47 4.65 45.73
CA GLY A 186 -1.38 3.81 45.28
C GLY A 186 -1.51 2.34 45.61
N LEU A 187 -2.70 1.88 45.98
CA LEU A 187 -2.95 0.49 46.34
C LEU A 187 -3.86 -0.15 45.29
N TYR A 188 -3.57 -1.39 44.93
CA TYR A 188 -4.31 -2.05 43.88
C TYR A 188 -5.59 -2.70 44.41
N SER A 189 -6.54 -2.91 43.51
CA SER A 189 -7.80 -3.58 43.82
C SER A 189 -8.16 -4.52 42.67
N LEU A 190 -8.58 -5.73 43.02
CA LEU A 190 -8.96 -6.76 42.05
C LEU A 190 -10.25 -7.41 42.51
N SER A 191 -11.02 -7.92 41.55
CA SER A 191 -12.27 -8.61 41.83
C SER A 191 -12.33 -9.90 41.03
N SER A 192 -12.74 -10.98 41.70
CA SER A 192 -12.88 -12.29 41.06
C SER A 192 -14.29 -12.80 41.30
N VAL A 193 -15.05 -12.98 40.21
CA VAL A 193 -16.44 -13.40 40.30
C VAL A 193 -16.63 -14.70 39.54
N VAL A 194 -17.61 -15.49 39.98
CA VAL A 194 -17.94 -16.76 39.36
C VAL A 194 -19.45 -16.92 39.35
N THR A 195 -19.95 -17.62 38.33
CA THR A 195 -21.38 -17.86 38.16
C THR A 195 -21.69 -19.31 38.52
N VAL A 196 -22.58 -19.50 39.49
CA VAL A 196 -22.96 -20.84 39.94
C VAL A 196 -24.48 -20.95 39.93
N PRO A 197 -25.04 -22.15 39.68
CA PRO A 197 -26.49 -22.35 39.69
C PRO A 197 -27.12 -22.06 41.04
N THR A 205 -19.90 -25.68 49.20
CA THR A 205 -19.16 -24.57 49.78
C THR A 205 -18.22 -23.94 48.76
N TYR A 206 -18.24 -22.61 48.69
CA TYR A 206 -17.41 -21.85 47.76
C TYR A 206 -16.43 -21.01 48.56
N ILE A 207 -15.14 -21.30 48.41
CA ILE A 207 -14.07 -20.61 49.13
C ILE A 207 -13.14 -19.98 48.11
N CYS A 208 -12.90 -18.68 48.24
CA CYS A 208 -11.95 -17.97 47.40
C CYS A 208 -10.66 -17.73 48.16
N ASN A 209 -9.58 -18.30 47.65
CA ASN A 209 -8.26 -18.23 48.30
C ASN A 209 -7.40 -17.22 47.54
N VAL A 210 -6.87 -16.25 48.27
CA VAL A 210 -6.04 -15.19 47.69
C VAL A 210 -4.68 -15.25 48.35
N ASN A 211 -3.65 -15.62 47.58
CA ASN A 211 -2.29 -15.72 48.07
C ASN A 211 -1.42 -14.66 47.39
N HIS A 212 -0.58 -14.01 48.17
CA HIS A 212 0.30 -12.94 47.70
C HIS A 212 1.74 -13.39 47.84
N LYS A 213 2.54 -13.22 46.77
CA LYS A 213 3.92 -13.70 46.81
C LYS A 213 4.81 -12.83 47.68
N PRO A 214 4.89 -11.50 47.50
CA PRO A 214 5.84 -10.73 48.34
C PRO A 214 5.41 -10.65 49.79
N SER A 215 4.13 -10.42 50.06
CA SER A 215 3.67 -10.29 51.44
C SER A 215 3.58 -11.65 52.12
N ASN A 216 3.61 -12.73 51.33
CA ASN A 216 3.51 -14.10 51.84
C ASN A 216 2.25 -14.32 52.67
N THR A 217 1.15 -13.71 52.26
CA THR A 217 -0.11 -13.78 53.00
C THR A 217 -1.14 -14.54 52.17
N LYS A 218 -1.81 -15.50 52.82
CA LYS A 218 -2.89 -16.27 52.21
C LYS A 218 -4.17 -15.99 52.99
N VAL A 219 -5.21 -15.55 52.28
CA VAL A 219 -6.48 -15.17 52.89
C VAL A 219 -7.57 -16.05 52.31
N ASP A 220 -8.44 -16.59 53.17
CA ASP A 220 -9.58 -17.39 52.78
C ASP A 220 -10.86 -16.68 53.19
N LYS A 221 -11.93 -16.92 52.44
CA LYS A 221 -13.21 -16.29 52.70
C LYS A 221 -14.34 -17.22 52.28
N LYS A 222 -15.44 -17.16 53.02
CA LYS A 222 -16.64 -17.94 52.74
C LYS A 222 -17.75 -17.01 52.31
N VAL A 223 -18.32 -17.24 51.13
CA VAL A 223 -19.37 -16.42 50.58
C VAL A 223 -20.70 -17.15 50.72
N GLU A 224 -21.69 -16.48 51.31
CA GLU A 224 -23.01 -17.04 51.51
C GLU A 224 -24.06 -16.10 50.91
N PRO A 225 -25.15 -16.64 50.37
CA PRO A 225 -26.20 -15.80 49.82
C PRO A 225 -26.84 -14.94 50.90
N LYS A 226 -27.13 -13.69 50.55
CA LYS A 226 -27.72 -12.74 51.48
C LYS A 226 -29.19 -13.08 51.75
N ASP B 2 9.98 16.52 13.87
CA ASP B 2 8.89 16.22 14.79
C ASP B 2 7.75 15.51 14.06
N ILE B 3 8.07 14.35 13.49
CA ILE B 3 7.06 13.58 12.77
C ILE B 3 6.13 12.90 13.76
N GLN B 4 4.83 13.08 13.56
CA GLN B 4 3.80 12.49 14.41
C GLN B 4 2.97 11.53 13.57
N MET B 5 3.18 10.23 13.75
CA MET B 5 2.45 9.24 12.99
C MET B 5 1.02 9.14 13.48
N THR B 6 0.06 9.19 12.55
CA THR B 6 -1.36 9.09 12.87
C THR B 6 -1.91 7.82 12.25
N GLN B 7 -2.38 6.90 13.11
CA GLN B 7 -2.93 5.63 12.69
C GLN B 7 -4.45 5.69 12.82
N SER B 8 -5.16 5.66 11.69
CA SER B 8 -6.61 5.77 11.74
C SER B 8 -7.29 4.52 12.31
N PRO B 9 -6.99 3.30 11.86
CA PRO B 9 -7.65 2.13 12.47
C PRO B 9 -7.21 1.94 13.91
N SER B 10 -8.17 2.00 14.82
CA SER B 10 -7.91 1.80 16.24
C SER B 10 -8.55 0.56 16.83
N SER B 11 -9.62 0.06 16.21
CA SER B 11 -10.29 -1.15 16.70
C SER B 11 -11.08 -1.76 15.55
N LEU B 12 -10.74 -2.99 15.18
CA LEU B 12 -11.40 -3.68 14.09
C LEU B 12 -11.61 -5.13 14.48
N SER B 13 -12.77 -5.67 14.12
CA SER B 13 -13.13 -7.04 14.44
C SER B 13 -13.39 -7.81 13.15
N ALA B 14 -12.84 -9.02 13.07
CA ALA B 14 -13.00 -9.87 11.90
C ALA B 14 -12.77 -11.32 12.32
N SER B 15 -12.92 -12.23 11.37
CA SER B 15 -12.74 -13.65 11.58
C SER B 15 -11.65 -14.17 10.65
N VAL B 16 -11.38 -15.48 10.75
CA VAL B 16 -10.36 -16.09 9.91
C VAL B 16 -10.82 -16.09 8.46
N GLY B 17 -9.88 -15.92 7.54
CA GLY B 17 -10.17 -15.87 6.13
C GLY B 17 -10.53 -14.50 5.59
N ASP B 18 -10.77 -13.53 6.45
CA ASP B 18 -11.14 -12.19 6.02
C ASP B 18 -9.89 -11.35 5.75
N ARG B 19 -10.08 -10.29 4.97
CA ARG B 19 -9.01 -9.37 4.61
C ARG B 19 -9.06 -8.16 5.53
N VAL B 20 -7.90 -7.78 6.07
CA VAL B 20 -7.78 -6.66 7.00
C VAL B 20 -6.88 -5.61 6.38
N THR B 21 -7.30 -4.35 6.44
CA THR B 21 -6.55 -3.23 5.89
C THR B 21 -6.32 -2.20 6.97
N ILE B 22 -5.05 -1.86 7.23
CA ILE B 22 -4.68 -0.87 8.22
C ILE B 22 -3.94 0.26 7.51
N THR B 23 -4.27 1.50 7.86
CA THR B 23 -3.71 2.68 7.22
C THR B 23 -2.89 3.48 8.22
N CYS B 24 -1.70 3.89 7.80
CA CYS B 24 -0.80 4.71 8.61
C CYS B 24 -0.44 5.97 7.83
N ARG B 25 -0.55 7.13 8.48
CA ARG B 25 -0.28 8.41 7.86
C ARG B 25 0.82 9.12 8.63
N ALA B 26 1.73 9.76 7.90
CA ALA B 26 2.85 10.49 8.49
C ALA B 26 2.62 11.98 8.33
N SER B 27 3.00 12.75 9.37
CA SER B 27 2.86 14.20 9.30
C SER B 27 3.83 14.80 8.29
N GLN B 28 4.97 14.15 8.05
CA GLN B 28 5.96 14.61 7.09
C GLN B 28 6.18 13.54 6.04
N SER B 29 6.62 13.97 4.87
CA SER B 29 6.82 13.05 3.74
C SER B 29 8.01 12.15 4.03
N VAL B 30 7.75 10.86 4.21
CA VAL B 30 8.78 9.85 4.42
C VAL B 30 8.78 8.90 3.22
N SER B 31 9.96 8.69 2.64
CA SER B 31 10.11 7.86 1.45
C SER B 31 9.68 6.42 1.69
N SER B 32 10.40 5.73 2.58
CA SER B 32 10.10 4.32 2.85
C SER B 32 10.37 3.93 4.30
N ALA B 33 10.72 4.86 5.17
CA ALA B 33 11.05 4.55 6.56
C ALA B 33 9.76 4.41 7.37
N VAL B 34 9.01 3.36 7.06
CA VAL B 34 7.77 3.03 7.76
C VAL B 34 7.71 1.51 7.92
N ALA B 35 7.54 1.05 9.15
CA ALA B 35 7.50 -0.38 9.45
C ALA B 35 6.29 -0.71 10.30
N TRP B 36 5.89 -1.97 10.25
CA TRP B 36 4.77 -2.50 11.03
C TRP B 36 5.29 -3.56 12.00
N TYR B 37 4.80 -3.50 13.23
CA TYR B 37 5.22 -4.43 14.27
C TYR B 37 4.00 -5.07 14.91
N GLN B 38 4.17 -6.33 15.31
CA GLN B 38 3.09 -7.11 15.91
C GLN B 38 3.49 -7.49 17.33
N GLN B 39 2.75 -6.97 18.30
CA GLN B 39 3.00 -7.24 19.72
C GLN B 39 1.83 -8.05 20.26
N LYS B 40 2.13 -9.22 20.82
CA LYS B 40 1.13 -10.05 21.46
C LYS B 40 0.97 -9.65 22.93
N PRO B 41 -0.21 -9.91 23.52
CA PRO B 41 -0.40 -9.59 24.94
C PRO B 41 0.54 -10.40 25.82
N GLY B 42 1.38 -9.70 26.57
CA GLY B 42 2.38 -10.36 27.39
C GLY B 42 3.56 -10.91 26.62
N LYS B 43 3.98 -10.23 25.56
CA LYS B 43 5.09 -10.69 24.75
C LYS B 43 5.75 -9.49 24.09
N ALA B 44 6.94 -9.73 23.51
CA ALA B 44 7.68 -8.68 22.85
C ALA B 44 7.23 -8.52 21.40
N PRO B 45 7.26 -7.30 20.87
CA PRO B 45 6.86 -7.09 19.48
C PRO B 45 7.83 -7.78 18.51
N LYS B 46 7.38 -7.88 17.26
CA LYS B 46 8.16 -8.51 16.21
C LYS B 46 7.92 -7.78 14.89
N LEU B 47 9.01 -7.53 14.16
CA LEU B 47 8.92 -6.81 12.89
C LEU B 47 8.26 -7.70 11.84
N LEU B 48 7.25 -7.16 11.16
CA LEU B 48 6.56 -7.87 10.09
C LEU B 48 6.98 -7.41 8.71
N ILE B 49 6.91 -6.11 8.44
CA ILE B 49 7.24 -5.55 7.12
C ILE B 49 8.23 -4.42 7.32
N TYR B 50 9.34 -4.47 6.59
CA TYR B 50 10.34 -3.43 6.59
C TYR B 50 10.40 -2.75 5.23
N SER B 51 10.63 -1.44 5.25
CA SER B 51 10.68 -0.59 4.06
C SER B 51 9.37 -0.55 3.29
N ALA B 52 8.30 -1.10 3.87
CA ALA B 52 6.93 -1.11 3.33
C ALA B 52 6.80 -1.87 2.02
N SER B 53 7.87 -2.47 1.50
CA SER B 53 7.81 -3.22 0.26
C SER B 53 8.19 -4.69 0.44
N SER B 54 9.28 -4.97 1.14
CA SER B 54 9.74 -6.34 1.31
C SER B 54 9.10 -6.95 2.56
N LEU B 55 9.29 -8.26 2.71
CA LEU B 55 8.77 -9.01 3.85
C LEU B 55 9.92 -9.51 4.70
N TYR B 56 9.72 -9.52 6.01
CA TYR B 56 10.75 -9.98 6.93
C TYR B 56 11.00 -11.46 6.77
N SER B 57 12.26 -11.87 6.97
CA SER B 57 12.65 -13.27 6.85
C SER B 57 12.16 -14.03 8.07
N GLY B 58 11.07 -14.77 7.91
CA GLY B 58 10.53 -15.55 9.01
C GLY B 58 9.03 -15.39 9.20
N VAL B 59 8.52 -14.19 8.91
CA VAL B 59 7.10 -13.90 9.07
C VAL B 59 6.34 -14.55 7.91
N PRO B 60 5.08 -14.93 8.09
CA PRO B 60 4.32 -15.52 6.98
C PRO B 60 4.06 -14.53 5.88
N SER B 61 3.76 -15.06 4.69
CA SER B 61 3.50 -14.25 3.52
C SER B 61 2.10 -13.66 3.49
N ARG B 62 1.30 -13.87 4.54
CA ARG B 62 -0.05 -13.33 4.55
C ARG B 62 -0.06 -11.81 4.67
N PHE B 63 0.98 -11.24 5.26
CA PHE B 63 1.09 -9.80 5.43
C PHE B 63 1.74 -9.16 4.21
N SER B 64 1.25 -7.99 3.83
CA SER B 64 1.81 -7.25 2.70
C SER B 64 1.75 -5.76 3.00
N GLY B 65 2.64 -5.02 2.35
CA GLY B 65 2.70 -3.58 2.54
C GLY B 65 2.62 -2.85 1.22
N SER B 66 2.02 -1.67 1.27
CA SER B 66 1.86 -0.84 0.08
C SER B 66 2.00 0.62 0.46
N ARG B 67 2.35 1.45 -0.52
CA ARG B 67 2.54 2.87 -0.33
C ARG B 67 1.77 3.65 -1.37
N SER B 68 1.17 4.77 -0.96
CA SER B 68 0.46 5.65 -1.87
C SER B 68 0.64 7.07 -1.35
N GLY B 69 1.48 7.86 -2.02
CA GLY B 69 1.77 9.21 -1.57
C GLY B 69 2.45 9.21 -0.21
N THR B 70 1.72 9.64 0.82
CA THR B 70 2.21 9.63 2.18
C THR B 70 1.41 8.69 3.08
N ASP B 71 0.65 7.77 2.48
CA ASP B 71 -0.18 6.83 3.22
C ASP B 71 0.32 5.41 2.99
N PHE B 72 0.60 4.70 4.08
CA PHE B 72 1.07 3.33 4.01
C PHE B 72 -0.04 2.38 4.44
N THR B 73 -0.09 1.22 3.78
CA THR B 73 -1.19 0.28 3.96
C THR B 73 -0.63 -1.10 4.28
N LEU B 74 -1.12 -1.68 5.38
CA LEU B 74 -0.80 -3.05 5.76
C LEU B 74 -2.03 -3.91 5.46
N THR B 75 -1.82 -4.95 4.65
CA THR B 75 -2.90 -5.80 4.18
C THR B 75 -2.68 -7.23 4.65
N ILE B 76 -3.69 -7.81 5.29
CA ILE B 76 -3.69 -9.20 5.72
C ILE B 76 -4.74 -9.93 4.89
N SER B 77 -4.29 -10.92 4.10
CA SER B 77 -5.20 -11.62 3.21
C SER B 77 -6.16 -12.52 3.98
N SER B 78 -5.62 -13.41 4.81
CA SER B 78 -6.41 -14.37 5.57
C SER B 78 -5.97 -14.36 7.02
N LEU B 79 -6.90 -14.12 7.93
CA LEU B 79 -6.59 -14.12 9.35
C LEU B 79 -6.45 -15.56 9.86
N GLN B 80 -5.69 -15.70 10.94
CA GLN B 80 -5.47 -16.99 11.58
C GLN B 80 -5.48 -16.78 13.09
N PRO B 81 -5.76 -17.83 13.87
CA PRO B 81 -5.77 -17.68 15.33
C PRO B 81 -4.42 -17.25 15.91
N GLU B 82 -3.34 -17.31 15.14
CA GLU B 82 -2.03 -16.88 15.61
C GLU B 82 -1.69 -15.47 15.17
N ASP B 83 -2.59 -14.79 14.46
CA ASP B 83 -2.36 -13.42 13.99
C ASP B 83 -3.20 -12.40 14.74
N PHE B 84 -3.77 -12.77 15.89
CA PHE B 84 -4.62 -11.87 16.67
C PHE B 84 -3.76 -11.19 17.72
N ALA B 85 -3.17 -10.06 17.35
CA ALA B 85 -2.33 -9.30 18.26
C ALA B 85 -2.39 -7.83 17.88
N THR B 86 -1.75 -7.00 18.69
CA THR B 86 -1.76 -5.57 18.44
C THR B 86 -0.76 -5.20 17.36
N TYR B 87 -1.15 -4.25 16.50
CA TYR B 87 -0.30 -3.79 15.41
C TYR B 87 0.10 -2.35 15.64
N TYR B 88 1.38 -2.04 15.38
CA TYR B 88 1.92 -0.70 15.58
C TYR B 88 2.64 -0.25 14.33
N CYS B 89 2.49 1.03 13.99
CA CYS B 89 3.18 1.68 12.89
C CYS B 89 4.31 2.55 13.44
N GLN B 90 5.48 2.43 12.82
CA GLN B 90 6.65 3.15 13.31
C GLN B 90 7.38 3.79 12.13
N GLN B 91 7.93 4.98 12.37
CA GLN B 91 8.77 5.66 11.41
C GLN B 91 10.22 5.65 11.91
N TYR B 92 11.16 5.41 11.00
CA TYR B 92 12.57 5.33 11.33
C TYR B 92 13.40 6.13 10.32
N LEU B 93 12.96 7.35 10.05
CA LEU B 93 13.68 8.21 9.11
C LEU B 93 15.06 8.57 9.61
N TYR B 94 15.24 8.67 10.93
CA TYR B 94 16.52 8.98 11.51
C TYR B 94 16.64 8.30 12.87
N TYR B 95 17.89 8.21 13.36
CA TYR B 95 18.13 7.56 14.64
C TYR B 95 17.42 8.28 15.78
N SER B 96 17.39 9.61 15.73
CA SER B 96 16.77 10.42 16.77
C SER B 96 15.31 10.76 16.47
N LEU B 97 14.79 10.35 15.32
CA LEU B 97 13.41 10.62 14.93
C LEU B 97 12.69 9.27 14.83
N VAL B 98 12.15 8.80 15.95
CA VAL B 98 11.42 7.55 16.03
C VAL B 98 10.13 7.83 16.79
N THR B 99 9.00 7.73 16.10
CA THR B 99 7.69 7.98 16.69
C THR B 99 6.72 6.87 16.30
N PHE B 100 6.05 6.29 17.28
CA PHE B 100 5.10 5.23 17.05
C PHE B 100 3.69 5.79 16.89
N GLY B 101 2.79 4.94 16.38
CA GLY B 101 1.40 5.32 16.19
C GLY B 101 0.60 5.20 17.47
N GLN B 102 -0.71 4.97 17.31
CA GLN B 102 -1.61 4.82 18.44
C GLN B 102 -2.01 3.38 18.71
N GLY B 103 -1.67 2.45 17.82
CA GLY B 103 -1.94 1.04 18.01
C GLY B 103 -3.18 0.58 17.28
N THR B 104 -3.22 -0.73 17.03
CA THR B 104 -4.36 -1.36 16.35
C THR B 104 -4.38 -2.82 16.75
N LYS B 105 -5.44 -3.25 17.44
CA LYS B 105 -5.57 -4.62 17.92
C LYS B 105 -6.78 -5.25 17.24
N VAL B 106 -6.54 -6.28 16.43
CA VAL B 106 -7.62 -6.98 15.76
C VAL B 106 -8.34 -7.86 16.75
N GLU B 107 -9.66 -7.98 16.60
CA GLU B 107 -10.50 -8.75 17.50
C GLU B 107 -11.28 -9.79 16.73
N ILE B 108 -11.78 -10.78 17.45
CA ILE B 108 -12.60 -11.85 16.87
C ILE B 108 -14.06 -11.41 16.93
N LYS B 109 -14.70 -11.35 15.78
CA LYS B 109 -16.10 -10.95 15.70
C LYS B 109 -17.02 -12.15 15.87
N ARG B 110 -18.16 -11.91 16.49
CA ARG B 110 -19.16 -12.96 16.73
C ARG B 110 -20.53 -12.32 16.77
N THR B 111 -21.53 -13.10 17.18
CA THR B 111 -22.89 -12.59 17.27
C THR B 111 -23.06 -11.74 18.53
N VAL B 112 -23.82 -10.65 18.39
CA VAL B 112 -24.05 -9.76 19.53
C VAL B 112 -25.05 -10.43 20.48
N ALA B 113 -24.73 -10.41 21.77
CA ALA B 113 -25.55 -11.01 22.80
C ALA B 113 -25.97 -9.96 23.81
N ALA B 114 -26.85 -10.37 24.73
CA ALA B 114 -27.37 -9.48 25.77
C ALA B 114 -26.47 -9.53 26.99
N PRO B 115 -25.98 -8.39 27.48
CA PRO B 115 -25.09 -8.41 28.66
C PRO B 115 -25.88 -8.69 29.94
N SER B 116 -25.37 -9.62 30.74
CA SER B 116 -25.94 -9.89 32.05
C SER B 116 -25.35 -8.92 33.06
N VAL B 117 -26.19 -8.16 33.74
CA VAL B 117 -25.77 -7.12 34.67
C VAL B 117 -26.10 -7.59 36.09
N PHE B 118 -25.11 -7.51 36.97
CA PHE B 118 -25.27 -7.87 38.37
C PHE B 118 -24.74 -6.74 39.24
N ILE B 119 -25.26 -6.66 40.47
CA ILE B 119 -24.87 -5.63 41.42
C ILE B 119 -24.45 -6.30 42.72
N PHE B 120 -23.40 -5.75 43.36
CA PHE B 120 -22.86 -6.31 44.59
C PHE B 120 -22.65 -5.16 45.57
N PRO B 121 -23.34 -5.15 46.71
CA PRO B 121 -23.12 -4.11 47.71
C PRO B 121 -21.89 -4.41 48.55
N PRO B 122 -21.36 -3.42 49.26
CA PRO B 122 -20.21 -3.67 50.14
C PRO B 122 -20.58 -4.62 51.28
N SER B 123 -19.64 -5.51 51.60
CA SER B 123 -19.85 -6.48 52.66
C SER B 123 -19.72 -5.83 54.03
N ASP B 124 -20.04 -6.60 55.07
CA ASP B 124 -19.97 -6.09 56.42
C ASP B 124 -18.54 -5.82 56.84
N SER B 125 -17.61 -6.72 56.50
CA SER B 125 -16.20 -6.48 56.83
C SER B 125 -15.65 -5.29 56.07
N GLN B 126 -16.11 -5.08 54.83
CA GLN B 126 -15.65 -3.93 54.07
C GLN B 126 -16.17 -2.63 54.66
N LEU B 127 -17.38 -2.65 55.21
CA LEU B 127 -17.89 -1.49 55.92
C LEU B 127 -17.13 -1.25 57.22
N LYS B 128 -16.78 -2.32 57.92
CA LYS B 128 -15.97 -2.18 59.12
C LYS B 128 -14.57 -1.65 58.81
N SER B 129 -14.07 -1.92 57.61
CA SER B 129 -12.77 -1.40 57.21
C SER B 129 -12.78 0.13 57.08
N GLY B 130 -13.91 0.70 56.70
CA GLY B 130 -14.07 2.14 56.57
C GLY B 130 -14.36 2.62 55.17
N THR B 131 -14.13 1.79 54.15
CA THR B 131 -14.35 2.16 52.76
C THR B 131 -15.37 1.21 52.14
N ALA B 132 -16.41 1.76 51.54
CA ALA B 132 -17.46 0.97 50.92
C ALA B 132 -17.28 0.97 49.41
N SER B 133 -17.30 -0.22 48.82
CA SER B 133 -17.12 -0.38 47.38
C SER B 133 -18.31 -1.13 46.80
N VAL B 134 -19.03 -0.48 45.90
CA VAL B 134 -20.17 -1.08 45.21
C VAL B 134 -19.69 -1.57 43.84
N VAL B 135 -20.05 -2.80 43.49
CA VAL B 135 -19.56 -3.44 42.28
C VAL B 135 -20.71 -3.62 41.30
N CYS B 136 -20.46 -3.33 40.04
CA CYS B 136 -21.40 -3.56 38.94
C CYS B 136 -20.71 -4.43 37.90
N LEU B 137 -21.25 -5.61 37.67
CA LEU B 137 -20.65 -6.63 36.82
C LEU B 137 -21.43 -6.77 35.52
N LEU B 138 -20.72 -6.71 34.39
CA LEU B 138 -21.27 -6.89 33.06
C LEU B 138 -20.62 -8.13 32.45
N ASN B 139 -21.37 -9.21 32.34
CA ASN B 139 -20.84 -10.48 31.86
C ASN B 139 -21.47 -10.83 30.52
N ASN B 140 -20.67 -11.39 29.62
CA ASN B 140 -21.15 -11.84 28.31
C ASN B 140 -21.70 -10.81 27.34
N PHE B 141 -20.94 -9.77 27.05
CA PHE B 141 -21.37 -8.82 26.03
C PHE B 141 -20.32 -8.82 24.95
N TYR B 142 -20.67 -9.18 23.71
CA TYR B 142 -19.60 -9.23 22.73
C TYR B 142 -18.97 -7.90 22.37
N PRO B 143 -19.77 -6.87 22.09
CA PRO B 143 -19.03 -5.65 21.74
C PRO B 143 -18.43 -5.03 22.99
N ARG B 144 -17.17 -4.66 22.94
CA ARG B 144 -16.51 -4.13 24.12
C ARG B 144 -17.08 -2.78 24.44
N GLU B 145 -17.34 -1.98 23.40
CA GLU B 145 -17.86 -0.63 23.59
C GLU B 145 -19.15 -0.59 24.39
N ALA B 146 -19.10 -0.03 25.60
CA ALA B 146 -20.28 -0.01 26.46
C ALA B 146 -20.17 1.20 27.37
N LYS B 147 -21.20 1.40 28.19
CA LYS B 147 -21.20 2.51 29.13
C LYS B 147 -21.96 2.13 30.38
N VAL B 148 -21.41 2.52 31.53
CA VAL B 148 -22.01 2.27 32.84
C VAL B 148 -22.11 3.59 33.58
N GLN B 149 -23.28 3.88 34.15
CA GLN B 149 -23.51 5.10 34.89
C GLN B 149 -24.01 4.78 36.29
N TRP B 150 -23.48 5.50 37.28
CA TRP B 150 -23.85 5.29 38.68
C TRP B 150 -24.91 6.32 39.09
N LYS B 151 -25.98 5.84 39.73
CA LYS B 151 -27.07 6.69 40.17
C LYS B 151 -27.38 6.38 41.63
N VAL B 152 -27.25 7.38 42.49
CA VAL B 152 -27.59 7.26 43.91
C VAL B 152 -28.72 8.24 44.19
N ASP B 153 -29.81 7.73 44.75
CA ASP B 153 -31.01 8.53 45.06
C ASP B 153 -31.48 9.29 43.81
N ASN B 154 -31.50 8.58 42.68
CA ASN B 154 -31.91 9.12 41.38
C ASN B 154 -31.05 10.31 40.97
N ALA B 155 -29.80 10.36 41.41
CA ALA B 155 -28.86 11.42 41.05
C ALA B 155 -27.60 10.80 40.46
N LEU B 156 -27.19 11.31 39.31
CA LEU B 156 -26.00 10.78 38.63
C LEU B 156 -24.74 11.10 39.42
N GLN B 157 -23.74 10.22 39.28
CA GLN B 157 -22.45 10.39 39.91
C GLN B 157 -21.37 10.59 38.84
N SER B 158 -20.48 11.55 39.08
CA SER B 158 -19.38 11.85 38.18
C SER B 158 -18.07 11.60 38.92
N GLY B 159 -17.22 10.75 38.36
CA GLY B 159 -15.95 10.42 38.99
C GLY B 159 -16.10 9.37 40.06
N ASN B 160 -14.97 9.06 40.70
CA ASN B 160 -14.86 8.09 41.77
C ASN B 160 -15.28 6.68 41.36
N SER B 161 -15.31 6.39 40.05
CA SER B 161 -15.69 5.09 39.53
C SER B 161 -14.55 4.53 38.71
N GLN B 162 -14.14 3.30 38.99
CA GLN B 162 -13.05 2.64 38.30
C GLN B 162 -13.59 1.47 37.48
N GLU B 163 -13.23 1.45 36.19
CA GLU B 163 -13.69 0.42 35.27
C GLU B 163 -12.53 -0.50 34.89
N SER B 164 -12.84 -1.79 34.78
CA SER B 164 -11.85 -2.79 34.39
C SER B 164 -12.51 -3.76 33.41
N VAL B 165 -11.90 -3.91 32.25
CA VAL B 165 -12.41 -4.79 31.19
C VAL B 165 -11.36 -5.86 30.90
N THR B 166 -11.80 -7.12 30.84
CA THR B 166 -10.91 -8.23 30.56
C THR B 166 -10.76 -8.41 29.04
N GLU B 167 -10.06 -9.48 28.66
CA GLU B 167 -9.84 -9.80 27.26
C GLU B 167 -10.84 -10.86 26.81
N GLN B 168 -10.69 -11.30 25.57
CA GLN B 168 -11.59 -12.31 25.02
C GLN B 168 -11.25 -13.69 25.57
N ASP B 169 -12.29 -14.43 25.93
CA ASP B 169 -12.09 -15.79 26.44
C ASP B 169 -11.77 -16.75 25.28
N SER B 170 -11.16 -17.87 25.64
CA SER B 170 -10.78 -18.86 24.63
C SER B 170 -12.01 -19.52 24.01
N LYS B 171 -13.02 -19.81 24.83
CA LYS B 171 -14.23 -20.46 24.30
C LYS B 171 -15.04 -19.51 23.44
N ASP B 172 -15.43 -18.37 24.00
CA ASP B 172 -16.24 -17.38 23.28
C ASP B 172 -15.68 -15.99 23.56
N SER B 173 -15.62 -15.17 22.50
CA SER B 173 -15.07 -13.82 22.60
C SER B 173 -16.12 -12.90 23.24
N THR B 174 -16.29 -13.09 24.55
CA THR B 174 -17.22 -12.30 25.35
C THR B 174 -16.43 -11.61 26.46
N TYR B 175 -16.38 -10.28 26.42
CA TYR B 175 -15.64 -9.53 27.42
C TYR B 175 -16.39 -9.51 28.75
N SER B 176 -15.68 -9.11 29.80
CA SER B 176 -16.24 -8.96 31.13
C SER B 176 -15.83 -7.59 31.67
N LEU B 177 -16.81 -6.86 32.22
CA LEU B 177 -16.58 -5.51 32.71
C LEU B 177 -16.93 -5.45 34.20
N SER B 178 -16.13 -4.71 34.96
CA SER B 178 -16.36 -4.50 36.38
C SER B 178 -16.21 -3.02 36.69
N SER B 179 -17.24 -2.44 37.29
CA SER B 179 -17.24 -1.04 37.69
C SER B 179 -17.32 -0.96 39.21
N THR B 180 -16.33 -0.30 39.81
CA THR B 180 -16.24 -0.18 41.26
C THR B 180 -16.44 1.27 41.66
N LEU B 181 -17.40 1.52 42.55
CA LEU B 181 -17.66 2.84 43.09
C LEU B 181 -17.23 2.86 44.55
N THR B 182 -16.31 3.76 44.87
CA THR B 182 -15.69 3.84 46.20
C THR B 182 -16.22 5.06 46.94
N LEU B 183 -16.70 4.84 48.17
CA LEU B 183 -17.18 5.91 49.03
C LEU B 183 -16.81 5.59 50.46
N SER B 184 -17.17 6.50 51.37
CA SER B 184 -16.90 6.33 52.79
C SER B 184 -18.11 5.72 53.49
N LYS B 185 -17.95 5.48 54.79
CA LYS B 185 -19.05 4.91 55.57
C LYS B 185 -20.18 5.90 55.75
N ALA B 186 -19.86 7.18 55.96
CA ALA B 186 -20.90 8.19 56.13
C ALA B 186 -21.75 8.34 54.88
N ASP B 187 -21.11 8.35 53.71
CA ASP B 187 -21.88 8.46 52.47
C ASP B 187 -22.76 7.24 52.23
N TYR B 188 -22.29 6.06 52.64
CA TYR B 188 -23.10 4.85 52.47
C TYR B 188 -24.27 4.83 53.44
N GLU B 189 -24.08 5.34 54.66
CA GLU B 189 -25.15 5.34 55.64
C GLU B 189 -26.18 6.42 55.38
N LYS B 190 -25.75 7.59 54.87
CA LYS B 190 -26.68 8.68 54.62
C LYS B 190 -27.56 8.39 53.40
N HIS B 191 -26.95 7.88 52.33
CA HIS B 191 -27.71 7.58 51.11
C HIS B 191 -28.49 6.28 51.29
N LYS B 192 -29.64 6.21 50.65
CA LYS B 192 -30.56 5.08 50.82
C LYS B 192 -30.31 3.98 49.80
N VAL B 193 -30.40 4.30 48.51
CA VAL B 193 -30.32 3.30 47.46
C VAL B 193 -29.18 3.66 46.51
N TYR B 194 -28.68 2.64 45.81
CA TYR B 194 -27.68 2.82 44.77
C TYR B 194 -28.11 2.01 43.54
N ALA B 195 -27.56 2.38 42.38
CA ALA B 195 -27.89 1.65 41.16
C ALA B 195 -26.83 1.92 40.11
N CYS B 196 -26.67 0.96 39.20
CA CYS B 196 -25.85 1.13 38.01
C CYS B 196 -26.68 0.83 36.78
N GLU B 197 -26.60 1.72 35.79
CA GLU B 197 -27.34 1.60 34.54
C GLU B 197 -26.34 1.33 33.41
N VAL B 198 -26.64 0.30 32.61
CA VAL B 198 -25.77 -0.15 31.53
C VAL B 198 -26.43 0.21 30.21
N THR B 199 -25.69 0.93 29.37
CA THR B 199 -26.09 1.22 28.00
C THR B 199 -25.08 0.57 27.06
N HIS B 200 -25.58 -0.26 26.14
CA HIS B 200 -24.71 -1.02 25.26
C HIS B 200 -25.52 -1.46 24.04
N GLN B 201 -24.84 -1.56 22.90
CA GLN B 201 -25.50 -2.00 21.68
C GLN B 201 -26.01 -3.43 21.84
N GLY B 202 -27.28 -3.63 21.48
CA GLY B 202 -27.95 -4.89 21.66
C GLY B 202 -29.12 -4.84 22.62
N LEU B 203 -29.24 -3.77 23.39
CA LEU B 203 -30.32 -3.60 24.36
C LEU B 203 -31.24 -2.47 23.90
N SER B 204 -32.55 -2.74 23.90
CA SER B 204 -33.51 -1.69 23.56
C SER B 204 -33.52 -0.60 24.62
N SER B 205 -33.56 -1.00 25.89
CA SER B 205 -33.54 -0.07 27.00
C SER B 205 -32.32 -0.32 27.89
N PRO B 206 -31.71 0.72 28.44
CA PRO B 206 -30.57 0.52 29.34
C PRO B 206 -30.96 -0.30 30.55
N VAL B 207 -30.15 -1.31 30.86
CA VAL B 207 -30.47 -2.24 31.93
C VAL B 207 -30.00 -1.66 33.26
N THR B 208 -30.92 -1.50 34.20
CA THR B 208 -30.63 -0.93 35.51
C THR B 208 -30.59 -2.04 36.56
N LYS B 209 -29.63 -1.94 37.47
CA LYS B 209 -29.53 -2.85 38.61
C LYS B 209 -29.34 -2.01 39.87
N SER B 210 -30.26 -2.15 40.82
CA SER B 210 -30.30 -1.31 42.00
C SER B 210 -30.27 -2.16 43.26
N PHE B 211 -29.76 -1.55 44.33
CA PHE B 211 -29.72 -2.16 45.65
C PHE B 211 -30.15 -1.13 46.70
N ASN B 212 -30.79 -1.62 47.75
CA ASN B 212 -31.28 -0.78 48.84
C ASN B 212 -30.82 -1.38 50.16
N ARG B 213 -30.26 -0.53 51.02
CA ARG B 213 -29.79 -0.97 52.33
C ARG B 213 -30.95 -1.09 53.32
N PRO C 16 -42.24 -18.99 3.61
CA PRO C 16 -40.78 -18.87 3.72
C PRO C 16 -40.12 -18.50 2.39
N GLY C 17 -38.84 -18.15 2.45
CA GLY C 17 -38.11 -17.79 1.24
C GLY C 17 -38.29 -16.36 0.79
N GLY C 18 -38.80 -15.49 1.66
CA GLY C 18 -38.99 -14.10 1.28
C GLY C 18 -37.67 -13.36 1.19
N SER C 19 -37.67 -12.30 0.38
CA SER C 19 -36.49 -11.46 0.17
C SER C 19 -36.85 -9.99 0.30
N LEU C 20 -37.67 -9.66 1.31
CA LEU C 20 -38.07 -8.28 1.52
C LEU C 20 -36.90 -7.46 2.05
N ARG C 21 -36.89 -6.17 1.71
CA ARG C 21 -35.85 -5.24 2.15
C ARG C 21 -36.50 -4.08 2.89
N LEU C 22 -35.91 -3.69 4.02
CA LEU C 22 -36.41 -2.61 4.84
C LEU C 22 -35.39 -1.47 4.85
N SER C 23 -35.87 -0.24 4.74
CA SER C 23 -35.02 0.94 4.75
C SER C 23 -35.37 1.82 5.95
N CYS C 24 -34.41 2.67 6.33
CA CYS C 24 -34.59 3.58 7.45
C CYS C 24 -34.00 4.93 7.10
N ALA C 25 -34.60 5.98 7.66
CA ALA C 25 -34.15 7.35 7.40
C ALA C 25 -32.93 7.69 8.26
N ILE C 31 -25.78 10.31 10.58
CA ILE C 31 -25.91 9.17 9.68
C ILE C 31 -24.53 8.62 9.32
N SER C 32 -23.69 9.49 8.77
CA SER C 32 -22.34 9.08 8.38
C SER C 32 -21.45 8.88 9.61
N ARG C 33 -21.35 9.90 10.45
CA ARG C 33 -20.53 9.80 11.65
C ARG C 33 -21.15 8.93 12.72
N TYR C 34 -22.47 8.78 12.71
CA TYR C 34 -23.16 7.97 13.70
C TYR C 34 -23.32 6.53 13.19
N ALA C 35 -23.99 5.70 13.99
CA ALA C 35 -24.23 4.32 13.65
C ALA C 35 -25.72 4.03 13.66
N MET C 36 -26.14 3.03 12.89
CA MET C 36 -27.53 2.63 12.80
C MET C 36 -27.72 1.24 13.40
N SER C 37 -28.92 0.99 13.89
CA SER C 37 -29.22 -0.30 14.52
C SER C 37 -30.68 -0.67 14.25
N TRP C 38 -30.93 -1.97 14.17
CA TRP C 38 -32.26 -2.51 13.96
C TRP C 38 -32.65 -3.39 15.14
N PHE C 39 -33.94 -3.36 15.48
CA PHE C 39 -34.47 -4.14 16.59
C PHE C 39 -35.76 -4.81 16.15
N ARG C 40 -36.07 -5.94 16.77
CA ARG C 40 -37.26 -6.73 16.45
C ARG C 40 -38.09 -6.92 17.70
N GLN C 41 -39.38 -6.62 17.60
CA GLN C 41 -40.29 -6.76 18.74
C GLN C 41 -41.63 -7.36 18.30
N GLU C 48 -35.93 -7.19 20.56
CA GLU C 48 -34.75 -8.04 20.35
C GLU C 48 -33.82 -7.41 19.32
N PHE C 49 -32.52 -7.41 19.63
CA PHE C 49 -31.53 -6.82 18.73
C PHE C 49 -31.43 -7.63 17.44
N VAL C 50 -31.21 -6.93 16.33
CA VAL C 50 -31.12 -7.58 15.02
C VAL C 50 -29.72 -7.40 14.45
N ALA C 51 -29.35 -6.15 14.17
CA ALA C 51 -28.06 -5.86 13.54
C ALA C 51 -27.70 -4.41 13.79
N VAL C 52 -26.43 -4.09 13.59
CA VAL C 52 -25.96 -2.72 13.80
C VAL C 52 -24.96 -2.40 12.71
N ALA C 53 -25.06 -1.22 12.13
CA ALA C 53 -24.10 -0.80 11.12
C ALA C 53 -23.30 0.33 11.72
N ARG C 54 -21.99 0.17 11.81
CA ARG C 54 -21.17 1.18 12.43
C ARG C 54 -20.35 1.94 11.42
N ARG C 55 -20.41 3.26 11.45
CA ARG C 55 -19.63 4.10 10.54
C ARG C 55 -19.68 3.58 9.09
N GLY C 59 -17.63 -1.70 11.60
CA GLY C 59 -18.10 -2.88 10.93
C GLY C 59 -19.57 -3.12 11.17
N ALA C 60 -20.07 -4.31 10.82
CA ALA C 60 -21.47 -4.62 11.04
C ALA C 60 -21.57 -5.80 12.01
N PHE C 61 -22.38 -5.65 13.04
CA PHE C 61 -22.49 -6.71 14.03
C PHE C 61 -23.89 -7.29 14.13
N TYR C 62 -24.06 -8.53 13.68
CA TYR C 62 -25.37 -9.15 13.67
C TYR C 62 -25.62 -9.88 14.97
N ALA C 63 -26.86 -10.34 15.14
CA ALA C 63 -27.27 -11.05 16.35
C ALA C 63 -27.06 -12.56 16.16
N ASP C 64 -27.62 -13.35 17.07
CA ASP C 64 -27.45 -14.80 17.01
C ASP C 64 -28.13 -15.39 15.77
N SER C 65 -29.45 -15.24 15.68
CA SER C 65 -30.19 -15.76 14.54
C SER C 65 -30.04 -14.88 13.30
N VAL C 66 -29.59 -13.64 13.47
CA VAL C 66 -29.46 -12.74 12.32
C VAL C 66 -28.18 -12.99 11.54
N GLN C 67 -27.12 -13.48 12.19
CA GLN C 67 -25.86 -13.73 11.50
C GLN C 67 -26.06 -14.79 10.42
N GLY C 68 -25.68 -14.44 9.19
CA GLY C 68 -25.78 -15.32 8.05
C GLY C 68 -27.03 -15.14 7.21
N ARG C 69 -28.18 -14.91 7.86
CA ARG C 69 -29.42 -14.77 7.12
C ARG C 69 -29.60 -13.36 6.56
N PHE C 70 -29.49 -12.35 7.42
CA PHE C 70 -29.68 -10.96 7.02
C PHE C 70 -28.34 -10.31 6.69
N THR C 71 -28.41 -9.16 6.04
CA THR C 71 -27.23 -8.40 5.66
C THR C 71 -27.55 -6.91 5.70
N VAL C 72 -26.74 -6.16 6.42
CA VAL C 72 -26.95 -4.72 6.54
C VAL C 72 -25.69 -3.97 6.10
N TYR C 81 -29.85 0.01 5.31
CA TYR C 81 -30.45 -0.93 4.37
C TYR C 81 -30.28 -2.37 4.86
N LEU C 82 -31.34 -2.90 5.47
CA LEU C 82 -31.33 -4.27 6.01
C LEU C 82 -31.84 -5.20 4.92
N GLN C 83 -30.92 -5.84 4.19
CA GLN C 83 -31.27 -6.76 3.11
C GLN C 83 -31.63 -8.11 3.73
N MET C 84 -32.89 -8.23 4.11
CA MET C 84 -33.38 -9.46 4.73
C MET C 84 -33.51 -10.56 3.68
N ASN C 85 -32.92 -11.71 3.97
CA ASN C 85 -32.96 -12.86 3.07
C ASN C 85 -33.10 -14.13 3.89
N SER C 86 -33.58 -15.19 3.23
CA SER C 86 -33.78 -16.50 3.85
C SER C 86 -34.68 -16.38 5.09
N LEU C 87 -35.89 -15.87 4.86
CA LEU C 87 -36.83 -15.66 5.95
C LEU C 87 -37.37 -16.99 6.48
N LYS C 88 -37.88 -16.96 7.69
CA LYS C 88 -38.47 -18.10 8.35
C LYS C 88 -39.74 -17.63 9.07
N PRO C 89 -40.72 -18.52 9.22
CA PRO C 89 -42.01 -18.09 9.80
C PRO C 89 -41.92 -17.61 11.24
N GLU C 90 -40.82 -17.89 11.94
CA GLU C 90 -40.64 -17.44 13.31
C GLU C 90 -40.03 -16.05 13.40
N ASP C 91 -40.06 -15.28 12.31
CA ASP C 91 -39.54 -13.92 12.28
C ASP C 91 -40.63 -12.90 12.00
N THR C 92 -41.86 -13.20 12.36
CA THR C 92 -42.99 -12.31 12.12
C THR C 92 -43.13 -11.37 13.32
N ALA C 93 -42.57 -10.17 13.20
CA ALA C 93 -42.62 -9.18 14.26
C ALA C 93 -42.29 -7.82 13.66
N VAL C 94 -42.47 -6.78 14.46
CA VAL C 94 -42.24 -5.41 14.01
C VAL C 94 -40.75 -5.10 14.07
N TYR C 95 -40.21 -4.54 12.99
CA TYR C 95 -38.81 -4.15 12.91
C TYR C 95 -38.71 -2.64 13.03
N TYR C 96 -37.96 -2.17 14.02
CA TYR C 96 -37.78 -0.76 14.28
C TYR C 96 -36.42 -0.30 13.77
N CYS C 97 -36.07 0.95 14.05
CA CYS C 97 -34.80 1.52 13.64
C CYS C 97 -34.34 2.50 14.72
N ALA C 98 -33.01 2.59 14.89
CA ALA C 98 -32.45 3.48 15.89
C ALA C 98 -31.11 4.01 15.42
N ILE C 99 -30.75 5.19 15.90
CA ILE C 99 -29.50 5.85 15.56
C ILE C 99 -28.75 6.13 16.85
N ASP C 100 -27.47 5.75 16.88
CA ASP C 100 -26.64 5.96 18.06
C ASP C 100 -26.14 7.41 18.09
N SER C 101 -26.51 8.14 19.14
CA SER C 101 -26.09 9.53 19.25
C SER C 101 -24.62 9.65 19.64
N ASP C 102 -24.15 8.75 20.50
CA ASP C 102 -22.76 8.79 20.94
C ASP C 102 -21.82 8.43 19.79
N THR C 103 -20.65 9.04 19.80
CA THR C 103 -19.63 8.80 18.78
C THR C 103 -18.64 7.71 19.16
N PHE C 104 -18.78 7.13 20.36
CA PHE C 104 -17.91 6.05 20.81
C PHE C 104 -18.61 4.69 20.80
N TYR C 105 -19.76 4.60 20.13
CA TYR C 105 -20.53 3.37 20.02
C TYR C 105 -20.90 2.82 21.40
N SER C 106 -21.33 3.72 22.28
CA SER C 106 -21.69 3.34 23.65
C SER C 106 -23.11 2.78 23.76
N GLY C 107 -23.80 2.60 22.64
CA GLY C 107 -25.15 2.05 22.67
C GLY C 107 -26.18 2.98 23.28
N SER C 108 -26.13 4.27 22.95
CA SER C 108 -27.10 5.24 23.43
C SER C 108 -28.08 5.55 22.30
N TYR C 109 -29.27 4.96 22.39
CA TYR C 109 -30.29 5.09 21.36
C TYR C 109 -31.42 5.97 21.89
N ASP C 110 -31.66 7.10 21.20
CA ASP C 110 -32.74 8.00 21.56
C ASP C 110 -33.64 8.39 20.39
N TYR C 111 -33.16 8.30 19.15
CA TYR C 111 -33.98 8.62 17.98
C TYR C 111 -34.58 7.33 17.42
N TRP C 112 -35.58 6.83 18.15
CA TRP C 112 -36.25 5.58 17.77
C TRP C 112 -37.31 5.86 16.71
N GLY C 113 -37.24 5.12 15.61
CA GLY C 113 -38.23 5.27 14.55
C GLY C 113 -39.55 4.64 14.90
N GLN C 114 -40.53 4.86 14.01
CA GLN C 114 -41.87 4.33 14.24
C GLN C 114 -41.92 2.83 14.03
N GLY C 115 -41.18 2.31 13.05
CA GLY C 115 -41.17 0.89 12.78
C GLY C 115 -42.18 0.49 11.71
N THR C 116 -41.90 -0.64 11.07
CA THR C 116 -42.74 -1.19 10.01
C THR C 116 -43.12 -2.62 10.35
N GLN C 117 -44.39 -2.95 10.15
CA GLN C 117 -44.88 -4.30 10.41
C GLN C 117 -44.43 -5.24 9.30
N VAL C 118 -43.85 -6.37 9.68
CA VAL C 118 -43.38 -7.38 8.74
C VAL C 118 -43.95 -8.72 9.14
N THR C 119 -44.54 -9.44 8.18
CA THR C 119 -45.14 -10.73 8.42
C THR C 119 -44.58 -11.73 7.40
N VAL C 120 -44.09 -12.86 7.90
CA VAL C 120 -43.51 -13.91 7.07
C VAL C 120 -44.47 -15.09 7.04
N SER C 121 -44.83 -15.53 5.83
CA SER C 121 -45.75 -16.65 5.63
C SER C 121 -47.07 -16.44 6.34
N ASP D 258 -12.79 -5.89 -68.15
CA ASP D 258 -12.66 -5.11 -69.38
C ASP D 258 -11.19 -4.86 -69.70
N CYS D 259 -10.37 -4.74 -68.65
CA CYS D 259 -8.95 -4.50 -68.84
C CYS D 259 -8.27 -5.69 -69.51
N GLU D 260 -8.71 -6.91 -69.17
CA GLU D 260 -8.10 -8.09 -69.77
C GLU D 260 -8.36 -8.16 -71.27
N THR D 261 -9.52 -7.70 -71.72
CA THR D 261 -9.81 -7.69 -73.15
C THR D 261 -9.24 -6.46 -73.84
N ARG D 262 -9.18 -5.34 -73.13
CA ARG D 262 -8.65 -4.11 -73.71
C ARG D 262 -7.14 -4.22 -73.89
N GLN D 263 -6.68 -3.88 -75.10
CA GLN D 263 -5.26 -3.89 -75.42
C GLN D 263 -4.76 -2.56 -75.96
N TRP D 264 -5.56 -1.50 -75.83
CA TRP D 264 -5.19 -0.18 -76.33
C TRP D 264 -5.42 0.86 -75.24
N LEU D 265 -4.64 1.93 -75.27
CA LEU D 265 -4.79 2.97 -74.27
C LEU D 265 -6.11 3.71 -74.47
N PRO D 266 -6.93 3.84 -73.42
CA PRO D 266 -8.19 4.55 -73.55
C PRO D 266 -7.96 6.03 -73.84
N PRO D 267 -8.62 6.56 -74.87
CA PRO D 267 -8.44 7.98 -75.20
C PRO D 267 -8.97 8.88 -74.09
N GLY D 268 -8.25 9.97 -73.83
CA GLY D 268 -8.65 10.94 -72.83
C GLY D 268 -8.13 10.67 -71.43
N GLU D 269 -7.32 9.64 -71.23
CA GLU D 269 -6.79 9.36 -69.90
C GLU D 269 -5.70 10.36 -69.55
N SER D 270 -5.76 10.89 -68.33
CA SER D 270 -4.80 11.89 -67.90
C SER D 270 -3.47 11.24 -67.54
N PRO D 271 -2.38 11.55 -68.25
CA PRO D 271 -1.07 10.95 -67.92
C PRO D 271 -0.21 11.77 -66.99
N ALA D 272 -0.68 12.94 -66.54
CA ALA D 272 0.15 13.80 -65.70
C ALA D 272 0.27 13.26 -64.29
N ILE D 273 -0.69 12.43 -63.86
CA ILE D 273 -0.68 11.93 -62.49
C ILE D 273 0.56 11.08 -62.23
N SER D 274 0.87 10.17 -63.16
CA SER D 274 2.02 9.29 -62.98
C SER D 274 3.33 10.06 -62.96
N SER D 275 3.46 11.03 -63.88
CA SER D 275 4.68 11.83 -63.94
C SER D 275 4.85 12.67 -62.68
N VAL D 276 3.76 13.27 -62.18
CA VAL D 276 3.83 14.07 -60.97
C VAL D 276 4.21 13.20 -59.78
N MET D 277 3.61 12.00 -59.68
CA MET D 277 3.94 11.11 -58.56
C MET D 277 5.40 10.67 -58.64
N PHE D 278 5.88 10.37 -59.84
CA PHE D 278 7.28 9.97 -60.01
C PHE D 278 8.22 11.09 -59.61
N SER D 279 7.95 12.31 -60.07
CA SER D 279 8.80 13.44 -59.73
C SER D 279 8.79 13.71 -58.23
N ALA D 280 7.61 13.67 -57.61
CA ALA D 280 7.52 13.91 -56.17
C ALA D 280 8.26 12.83 -55.38
N GLY D 281 8.11 11.56 -55.78
CA GLY D 281 8.81 10.50 -55.09
C GLY D 281 10.32 10.63 -55.22
N VAL D 282 10.80 10.94 -56.42
CA VAL D 282 12.24 11.10 -56.63
C VAL D 282 12.77 12.26 -55.80
N LEU D 283 12.06 13.39 -55.81
CA LEU D 283 12.51 14.55 -55.05
C LEU D 283 12.53 14.25 -53.56
N GLY D 284 11.49 13.59 -53.05
CA GLY D 284 11.45 13.26 -51.64
C GLY D 284 12.55 12.29 -51.25
N ASN D 285 12.80 11.28 -52.08
CA ASN D 285 13.87 10.33 -51.78
C ASN D 285 15.23 11.00 -51.80
N LEU D 286 15.47 11.89 -52.76
CA LEU D 286 16.75 12.59 -52.82
C LEU D 286 16.93 13.50 -51.61
N ILE D 287 15.86 14.21 -51.21
CA ILE D 287 15.95 15.09 -50.05
C ILE D 287 16.21 14.28 -48.78
N ALA D 288 15.53 13.13 -48.64
CA ALA D 288 15.75 12.29 -47.46
C ALA D 288 17.17 11.74 -47.43
N LEU D 289 17.68 11.29 -48.58
CA LEU D 289 19.05 10.79 -48.63
C LEU D 289 20.05 11.88 -48.29
N ALA D 290 19.82 13.10 -48.78
CA ALA D 290 20.72 14.21 -48.46
C ALA D 290 20.69 14.54 -46.98
N LEU D 291 19.49 14.60 -46.39
CA LEU D 291 19.38 14.91 -44.97
C LEU D 291 20.02 13.83 -44.11
N LEU D 292 19.91 12.56 -44.54
CA LEU D 292 20.54 11.48 -43.78
C LEU D 292 22.04 11.48 -43.97
N ALA D 293 22.52 11.92 -45.14
CA ALA D 293 23.96 12.01 -45.37
C ALA D 293 24.57 13.16 -44.58
N ARG D 294 23.79 14.21 -44.32
CA ARG D 294 24.28 15.31 -43.49
C ARG D 294 24.66 14.82 -42.10
N ARG D 295 23.89 13.89 -41.54
CA ARG D 295 24.16 13.36 -40.21
C ARG D 295 25.43 12.50 -40.21
N LEU D 310 26.41 6.49 -36.96
CA LEU D 310 24.97 6.65 -37.06
C LEU D 310 24.24 5.61 -36.23
N SER D 311 23.08 5.98 -35.70
CA SER D 311 22.28 5.05 -34.91
C SER D 311 21.60 4.02 -35.80
N LEU D 312 21.16 2.93 -35.18
CA LEU D 312 20.51 1.86 -35.94
C LEU D 312 19.20 2.31 -36.56
N PHE D 313 18.45 3.16 -35.84
CA PHE D 313 17.19 3.66 -36.36
C PHE D 313 17.40 4.49 -37.62
N HIS D 314 18.44 5.33 -37.61
CA HIS D 314 18.74 6.14 -38.79
C HIS D 314 19.17 5.27 -39.97
N VAL D 315 19.91 4.20 -39.71
CA VAL D 315 20.31 3.28 -40.77
C VAL D 315 19.08 2.58 -41.34
N LEU D 316 18.14 2.19 -40.48
CA LEU D 316 16.92 1.56 -40.96
C LEU D 316 16.08 2.52 -41.79
N VAL D 317 16.02 3.79 -41.36
CA VAL D 317 15.28 4.79 -42.14
C VAL D 317 15.95 5.01 -43.49
N THR D 318 17.28 5.04 -43.52
CA THR D 318 18.00 5.20 -44.78
C THR D 318 17.73 4.02 -45.71
N GLU D 319 17.74 2.80 -45.17
CA GLU D 319 17.45 1.62 -45.99
C GLU D 319 16.01 1.63 -46.49
N LEU D 320 15.07 2.12 -45.67
CA LEU D 320 13.69 2.23 -46.11
C LEU D 320 13.55 3.23 -47.24
N VAL D 321 14.23 4.38 -47.13
CA VAL D 321 14.18 5.38 -48.19
C VAL D 321 14.81 4.84 -49.46
N PHE D 322 15.91 4.09 -49.34
CA PHE D 322 16.55 3.49 -50.50
C PHE D 322 15.65 2.45 -51.16
N THR D 323 14.94 1.66 -50.35
CA THR D 323 14.00 0.69 -50.89
C THR D 323 12.85 1.38 -51.63
N ASP D 324 12.31 2.45 -51.05
CA ASP D 324 11.26 3.20 -51.72
C ASP D 324 11.75 3.81 -53.02
N LEU D 325 12.99 4.31 -53.03
CA LEU D 325 13.56 4.88 -54.25
C LEU D 325 13.71 3.82 -55.33
N LEU D 326 14.21 2.64 -54.96
CA LEU D 326 14.32 1.55 -55.93
C LEU D 326 12.95 1.14 -56.45
N GLY D 327 11.96 1.07 -55.56
CA GLY D 327 10.61 0.72 -56.00
C GLY D 327 10.06 1.72 -56.99
N THR D 328 10.25 3.01 -56.71
CA THR D 328 9.78 4.04 -57.64
C THR D 328 10.51 3.95 -58.98
N CYS D 329 11.84 3.77 -58.93
CA CYS D 329 12.63 3.75 -60.15
C CYS D 329 12.37 2.48 -60.96
N LEU D 330 11.80 1.45 -60.34
CA LEU D 330 11.45 0.25 -61.09
C LEU D 330 10.00 0.30 -61.58
N ILE D 331 9.14 1.02 -60.87
CA ILE D 331 7.72 1.05 -61.21
C ILE D 331 7.43 2.10 -62.28
N SER D 332 7.94 3.31 -62.09
CA SER D 332 7.56 4.42 -62.96
C SER D 332 7.95 4.24 -64.43
N PRO D 333 9.14 3.72 -64.78
CA PRO D 333 9.46 3.57 -66.22
C PRO D 333 8.47 2.68 -66.96
N VAL D 334 7.91 1.66 -66.31
CA VAL D 334 6.92 0.81 -66.98
C VAL D 334 5.68 1.61 -67.31
N VAL D 335 5.19 2.43 -66.37
CA VAL D 335 4.01 3.24 -66.61
C VAL D 335 4.30 4.28 -67.69
N LEU D 336 5.52 4.83 -67.70
CA LEU D 336 5.87 5.80 -68.74
C LEU D 336 5.93 5.16 -70.11
N ALA D 337 6.48 3.94 -70.21
CA ALA D 337 6.50 3.24 -71.49
C ALA D 337 5.10 2.87 -71.93
N SER D 338 4.20 2.60 -70.98
CA SER D 338 2.82 2.29 -71.34
C SER D 338 2.15 3.46 -72.04
N TYR D 339 2.43 4.69 -71.58
CA TYR D 339 1.89 5.87 -72.26
C TYR D 339 2.64 6.17 -73.55
N ALA D 340 3.95 5.90 -73.58
CA ALA D 340 4.74 6.17 -74.77
C ALA D 340 4.30 5.28 -75.93
N ARG D 341 3.99 4.01 -75.65
CA ARG D 341 3.57 3.08 -76.67
C ARG D 341 2.06 3.09 -76.92
N ASN D 342 1.30 3.82 -76.11
CA ASN D 342 -0.16 3.91 -76.22
C ASN D 342 -0.81 2.53 -76.16
N GLN D 343 -0.23 1.62 -75.38
CA GLN D 343 -0.73 0.27 -75.24
C GLN D 343 -0.67 -0.15 -73.78
N THR D 344 -1.56 -1.07 -73.41
CA THR D 344 -1.58 -1.60 -72.06
C THR D 344 -0.39 -2.54 -71.84
N LEU D 345 -0.24 -2.97 -70.59
CA LEU D 345 0.88 -3.86 -70.24
C LEU D 345 0.77 -5.20 -70.96
N VAL D 346 -0.45 -5.65 -71.23
CA VAL D 346 -0.64 -6.91 -71.94
C VAL D 346 -0.23 -6.76 -73.41
N ALA D 347 -0.39 -5.56 -73.97
CA ALA D 347 -0.10 -5.37 -75.38
C ALA D 347 1.39 -5.08 -75.61
N LEU D 348 1.99 -4.21 -74.79
CA LEU D 348 3.38 -3.83 -75.01
C LEU D 348 4.31 -5.00 -74.76
N ALA D 349 3.99 -5.84 -73.78
CA ALA D 349 4.86 -6.98 -73.50
C ALA D 349 4.19 -8.28 -73.92
N PRO D 350 4.96 -9.23 -74.46
CA PRO D 350 4.37 -10.53 -74.83
C PRO D 350 3.79 -11.24 -73.62
N GLU D 351 2.67 -11.95 -73.85
CA GLU D 351 1.92 -12.70 -72.85
C GLU D 351 1.79 -11.97 -71.52
N SER D 352 1.62 -10.65 -71.58
CA SER D 352 1.39 -9.81 -70.40
C SER D 352 2.50 -9.98 -69.36
N ARG D 353 3.72 -10.23 -69.83
CA ARG D 353 4.85 -10.43 -68.92
C ARG D 353 5.00 -9.26 -67.97
N ALA D 354 5.04 -8.04 -68.50
CA ALA D 354 5.10 -6.86 -67.65
C ALA D 354 3.93 -6.83 -66.67
N CYS D 355 2.72 -7.15 -67.16
CA CYS D 355 1.54 -7.19 -66.28
C CYS D 355 1.76 -8.10 -65.10
N THR D 356 2.62 -9.10 -65.23
CA THR D 356 3.06 -9.86 -64.07
C THR D 356 4.17 -9.13 -63.34
N TYR D 357 5.27 -8.84 -64.05
CA TYR D 357 6.45 -8.27 -63.42
C TYR D 357 6.11 -7.00 -62.64
N PHE D 358 5.52 -6.01 -63.32
CA PHE D 358 5.04 -4.81 -62.64
C PHE D 358 4.25 -5.17 -61.39
N ALA D 359 3.23 -6.02 -61.53
CA ALA D 359 2.43 -6.43 -60.38
C ALA D 359 3.33 -6.99 -59.28
N PHE D 360 4.25 -7.88 -59.64
CA PHE D 360 5.21 -8.40 -58.68
C PHE D 360 5.91 -7.26 -57.95
N ALA D 361 6.48 -6.31 -58.70
CA ALA D 361 7.10 -5.15 -58.07
C ALA D 361 6.10 -4.42 -57.19
N MET D 362 4.88 -4.21 -57.72
CA MET D 362 3.88 -3.47 -56.95
C MET D 362 3.56 -4.17 -55.64
N THR D 363 3.82 -5.48 -55.57
CA THR D 363 3.67 -6.19 -54.31
C THR D 363 4.99 -6.22 -53.55
N PHE D 364 6.09 -6.43 -54.26
CA PHE D 364 7.36 -6.79 -53.61
C PHE D 364 7.77 -5.72 -52.60
N PHE D 365 8.04 -4.51 -53.08
CA PHE D 365 8.38 -3.42 -52.17
C PHE D 365 7.26 -3.18 -51.16
N SER D 366 6.00 -3.35 -51.60
CA SER D 366 4.86 -3.16 -50.72
C SER D 366 4.97 -4.02 -49.48
N LEU D 367 5.62 -5.18 -49.59
CA LEU D 367 5.91 -5.97 -48.40
C LEU D 367 7.22 -5.52 -47.76
N ALA D 368 8.27 -5.38 -48.57
CA ALA D 368 9.62 -5.18 -48.02
C ALA D 368 9.67 -3.95 -47.11
N THR D 369 9.35 -2.77 -47.65
CA THR D 369 9.30 -1.57 -46.83
C THR D 369 8.45 -1.79 -45.59
N MET D 370 7.29 -2.42 -45.75
CA MET D 370 6.44 -2.72 -44.59
C MET D 370 7.22 -3.47 -43.53
N LEU D 371 7.88 -4.57 -43.92
CA LEU D 371 8.71 -5.31 -42.98
C LEU D 371 9.72 -4.39 -42.31
N MET D 372 10.38 -3.53 -43.10
CA MET D 372 11.34 -2.59 -42.54
C MET D 372 10.71 -1.78 -41.42
N LEU D 373 9.50 -1.27 -41.65
CA LEU D 373 8.77 -0.56 -40.60
C LEU D 373 8.74 -1.38 -39.32
N PHE D 374 8.25 -2.64 -39.42
CA PHE D 374 8.22 -3.52 -38.25
C PHE D 374 9.60 -3.58 -37.60
N ALA D 375 10.64 -3.79 -38.41
CA ALA D 375 11.99 -3.83 -37.87
C ALA D 375 12.27 -2.60 -37.01
N MET D 376 12.03 -1.41 -37.56
CA MET D 376 12.22 -0.19 -36.79
C MET D 376 11.45 -0.25 -35.48
N ALA D 377 10.16 -0.60 -35.54
CA ALA D 377 9.38 -0.76 -34.32
C ALA D 377 10.05 -1.73 -33.38
N LEU D 378 10.44 -2.91 -33.89
CA LEU D 378 11.14 -3.88 -33.06
C LEU D 378 12.38 -3.26 -32.43
N GLU D 379 13.15 -2.51 -33.23
CA GLU D 379 14.31 -1.81 -32.70
C GLU D 379 13.92 -0.96 -31.50
N ARG D 380 12.88 -0.14 -31.65
CA ARG D 380 12.43 0.69 -30.52
C ARG D 380 12.10 -0.19 -29.32
N TYR D 381 11.42 -1.32 -29.55
CA TYR D 381 11.19 -2.26 -28.45
C TYR D 381 12.50 -2.71 -27.85
N LEU D 382 13.42 -3.19 -28.68
CA LEU D 382 14.74 -3.60 -28.17
C LEU D 382 15.48 -2.42 -27.56
N SER D 383 15.08 -1.19 -27.93
CA SER D 383 15.70 -0.01 -27.34
C SER D 383 15.19 0.20 -25.91
N ILE D 384 13.91 -0.06 -25.67
CA ILE D 384 13.32 0.28 -24.38
C ILE D 384 12.91 -0.97 -23.62
N GLY D 385 12.31 -1.94 -24.30
CA GLY D 385 11.83 -3.13 -23.62
C GLY D 385 12.94 -3.93 -22.98
N HIS D 386 14.11 -3.96 -23.61
CA HIS D 386 15.28 -4.67 -23.10
C HIS D 386 16.47 -3.72 -23.11
N PRO D 387 16.67 -2.96 -22.02
CA PRO D 387 17.79 -2.00 -22.01
C PRO D 387 19.16 -2.66 -22.00
N TYR D 388 19.35 -3.68 -21.17
CA TYR D 388 20.66 -4.34 -21.10
C TYR D 388 20.98 -5.06 -22.41
N PHE D 389 19.96 -5.59 -23.07
CA PHE D 389 20.17 -6.26 -24.35
C PHE D 389 20.63 -5.26 -25.42
N TYR D 390 20.17 -4.01 -25.32
CA TYR D 390 20.59 -3.00 -26.30
C TYR D 390 21.92 -2.38 -25.91
N GLN D 391 22.26 -2.40 -24.62
CA GLN D 391 23.51 -1.79 -24.18
C GLN D 391 24.73 -2.53 -24.73
N ARG D 392 24.58 -3.82 -25.02
CA ARG D 392 25.70 -4.59 -25.57
C ARG D 392 26.06 -4.07 -26.96
N ARG D 393 27.26 -4.43 -27.42
CA ARG D 393 27.75 -3.95 -28.70
C ARG D 393 26.87 -4.44 -29.84
N VAL D 394 26.18 -3.51 -30.48
CA VAL D 394 25.36 -3.78 -31.66
C VAL D 394 26.01 -3.07 -32.85
N SER D 395 26.81 -3.80 -33.61
CA SER D 395 27.56 -3.21 -34.71
C SER D 395 26.63 -2.85 -35.86
N ARG D 396 27.13 -1.96 -36.74
CA ARG D 396 26.37 -1.55 -37.91
C ARG D 396 26.16 -2.69 -38.90
N SER D 397 26.97 -3.75 -38.79
CA SER D 397 26.83 -4.88 -39.71
C SER D 397 25.45 -5.54 -39.59
N GLY D 398 24.86 -5.51 -38.39
CA GLY D 398 23.53 -6.08 -38.22
C GLY D 398 22.48 -5.33 -39.01
N GLY D 399 22.46 -4.00 -38.91
CA GLY D 399 21.52 -3.22 -39.68
C GLY D 399 21.76 -3.33 -41.17
N LEU D 400 23.02 -3.41 -41.59
CA LEU D 400 23.34 -3.55 -43.01
C LEU D 400 22.93 -4.92 -43.53
N ALA D 401 22.94 -5.94 -42.67
CA ALA D 401 22.54 -7.28 -43.08
C ALA D 401 21.04 -7.49 -42.97
N VAL D 402 20.34 -6.66 -42.21
CA VAL D 402 18.88 -6.77 -42.12
C VAL D 402 18.25 -6.56 -43.48
N LEU D 403 18.77 -5.60 -44.26
CA LEU D 403 18.16 -5.26 -45.55
C LEU D 403 18.16 -6.43 -46.54
N PRO D 404 19.27 -7.14 -46.77
CA PRO D 404 19.19 -8.28 -47.69
C PRO D 404 18.29 -9.40 -47.18
N VAL D 405 18.24 -9.62 -45.87
CA VAL D 405 17.36 -10.65 -45.34
C VAL D 405 15.89 -10.28 -45.58
N ILE D 406 15.54 -9.02 -45.33
CA ILE D 406 14.17 -8.57 -45.59
C ILE D 406 13.84 -8.66 -47.07
N TYR D 407 14.79 -8.29 -47.93
CA TYR D 407 14.58 -8.40 -49.38
C TYR D 407 14.33 -9.85 -49.79
N ALA D 408 15.14 -10.77 -49.26
CA ALA D 408 14.99 -12.18 -49.62
C ALA D 408 13.66 -12.74 -49.11
N VAL D 409 13.27 -12.36 -47.89
CA VAL D 409 11.99 -12.84 -47.36
C VAL D 409 10.83 -12.30 -48.18
N SER D 410 10.87 -11.02 -48.55
CA SER D 410 9.81 -10.45 -49.35
C SER D 410 9.75 -11.09 -50.73
N LEU D 411 10.92 -11.38 -51.32
CA LEU D 411 10.93 -12.03 -52.63
C LEU D 411 10.39 -13.44 -52.56
N LEU D 412 10.74 -14.18 -51.51
CA LEU D 412 10.24 -15.54 -51.35
C LEU D 412 8.74 -15.55 -51.10
N PHE D 413 8.24 -14.54 -50.39
CA PHE D 413 6.81 -14.47 -50.13
C PHE D 413 6.04 -14.08 -51.39
N CYS D 414 6.55 -13.11 -52.15
CA CYS D 414 5.86 -12.66 -53.36
C CYS D 414 6.13 -13.57 -54.55
N SER D 415 6.99 -14.58 -54.39
CA SER D 415 7.27 -15.53 -55.47
C SER D 415 6.19 -16.60 -55.62
N LEU D 416 5.13 -16.54 -54.83
CA LEU D 416 4.06 -17.53 -54.96
C LEU D 416 3.31 -17.42 -56.29
N PRO D 417 2.94 -16.24 -56.79
CA PRO D 417 2.39 -16.16 -58.14
C PRO D 417 3.41 -16.59 -59.18
N LEU D 418 2.90 -16.87 -60.39
CA LEU D 418 3.61 -17.35 -61.57
C LEU D 418 4.00 -18.82 -61.43
N LEU D 419 3.78 -19.43 -60.27
CA LEU D 419 4.06 -20.85 -60.05
C LEU D 419 2.78 -21.67 -59.94
N ASP D 420 1.69 -21.23 -60.56
CA ASP D 420 0.36 -21.85 -60.58
C ASP D 420 -0.36 -21.72 -59.24
N TYR D 421 0.27 -21.13 -58.22
CA TYR D 421 -0.41 -20.94 -56.94
C TYR D 421 -1.25 -19.67 -56.97
N GLY D 422 -0.71 -18.58 -57.51
CA GLY D 422 -1.43 -17.34 -57.61
C GLY D 422 -1.37 -16.79 -59.02
N GLN D 423 -2.37 -15.98 -59.36
CA GLN D 423 -2.48 -15.39 -60.68
C GLN D 423 -2.59 -13.87 -60.56
N TYR D 424 -2.32 -13.19 -61.67
CA TYR D 424 -2.39 -11.74 -61.76
C TYR D 424 -3.41 -11.35 -62.82
N VAL D 425 -4.32 -10.44 -62.45
CA VAL D 425 -5.30 -9.90 -63.37
C VAL D 425 -5.11 -8.39 -63.46
N GLN D 426 -5.84 -7.77 -64.38
CA GLN D 426 -5.69 -6.34 -64.65
C GLN D 426 -6.89 -5.61 -64.06
N TYR D 427 -6.75 -5.10 -62.84
CA TYR D 427 -7.70 -4.16 -62.26
C TYR D 427 -7.18 -2.76 -62.55
N CYS D 428 -7.63 -2.17 -63.65
CA CYS D 428 -6.92 -1.05 -64.25
C CYS D 428 -7.91 0.03 -64.63
N PRO D 429 -7.46 1.29 -64.69
CA PRO D 429 -8.08 2.27 -65.58
C PRO D 429 -7.46 2.31 -66.97
N GLY D 430 -6.43 1.50 -67.20
CA GLY D 430 -5.72 1.44 -68.48
C GLY D 430 -4.22 1.36 -68.38
N THR D 431 -3.62 1.25 -67.18
CA THR D 431 -2.18 1.34 -67.04
C THR D 431 -1.51 0.23 -66.24
N TRP D 432 -2.18 -0.34 -65.24
CA TRP D 432 -1.49 -1.21 -64.29
C TRP D 432 -2.20 -2.54 -64.11
N CYS D 433 -1.52 -3.46 -63.43
CA CYS D 433 -2.05 -4.78 -63.07
C CYS D 433 -1.88 -5.01 -61.58
N PHE D 434 -2.53 -6.07 -61.08
CA PHE D 434 -2.42 -6.42 -59.66
C PHE D 434 -2.77 -7.89 -59.50
N ILE D 435 -2.87 -8.31 -58.24
CA ILE D 435 -3.12 -9.71 -57.92
C ILE D 435 -4.57 -10.07 -58.26
N ARG D 436 -4.79 -11.35 -58.56
CA ARG D 436 -6.14 -11.83 -58.83
C ARG D 436 -6.84 -12.21 -57.52
N HIS D 437 -8.10 -11.80 -57.40
CA HIS D 437 -8.94 -12.21 -56.28
C HIS D 437 -9.91 -13.28 -56.75
N GLY D 438 -9.86 -14.44 -56.09
CA GLY D 438 -10.71 -15.55 -56.49
C GLY D 438 -10.28 -16.85 -55.85
N ARG D 439 -10.13 -17.88 -56.69
CA ARG D 439 -9.72 -19.19 -56.19
C ARG D 439 -8.34 -19.11 -55.55
N THR D 440 -7.46 -18.26 -56.08
CA THR D 440 -6.13 -18.10 -55.50
C THR D 440 -6.22 -17.47 -54.11
N ALA D 441 -5.54 -18.10 -53.16
CA ALA D 441 -5.55 -17.65 -51.77
C ALA D 441 -4.34 -16.79 -51.41
N TYR D 442 -3.54 -16.39 -52.39
CA TYR D 442 -2.35 -15.58 -52.10
C TYR D 442 -2.73 -14.20 -51.62
N LEU D 443 -3.82 -13.63 -52.17
CA LEU D 443 -4.23 -12.28 -51.77
C LEU D 443 -4.68 -12.25 -50.32
N GLN D 444 -5.44 -13.25 -49.89
CA GLN D 444 -5.89 -13.30 -48.49
C GLN D 444 -4.71 -13.46 -47.54
N LEU D 445 -3.74 -14.30 -47.90
CA LEU D 445 -2.56 -14.47 -47.05
C LEU D 445 -1.74 -13.19 -46.98
N TYR D 446 -1.61 -12.48 -48.11
CA TYR D 446 -0.87 -11.22 -48.12
C TYR D 446 -1.57 -10.18 -47.25
N ALA D 447 -2.89 -10.08 -47.36
CA ALA D 447 -3.63 -9.13 -46.52
C ALA D 447 -3.53 -9.51 -45.04
N THR D 448 -3.58 -10.79 -44.72
CA THR D 448 -3.45 -11.22 -43.33
C THR D 448 -2.07 -10.89 -42.79
N LEU D 449 -1.02 -11.09 -43.60
CA LEU D 449 0.33 -10.74 -43.18
C LEU D 449 0.46 -9.24 -42.95
N LEU D 450 -0.11 -8.44 -43.85
CA LEU D 450 -0.07 -6.99 -43.68
C LEU D 450 -0.80 -6.56 -42.41
N LEU D 451 -1.97 -7.15 -42.16
CA LEU D 451 -2.72 -6.80 -40.96
C LEU D 451 -1.97 -7.20 -39.70
N LEU D 452 -1.33 -8.38 -39.71
CA LEU D 452 -0.56 -8.81 -38.55
C LEU D 452 0.63 -7.89 -38.31
N LEU D 453 1.31 -7.47 -39.38
CA LEU D 453 2.42 -6.53 -39.23
C LEU D 453 1.95 -5.20 -38.68
N ILE D 454 0.80 -4.71 -39.16
CA ILE D 454 0.27 -3.45 -38.65
C ILE D 454 -0.08 -3.57 -37.17
N VAL D 455 -0.70 -4.68 -36.78
CA VAL D 455 -1.07 -4.88 -35.37
C VAL D 455 0.19 -4.96 -34.51
N SER D 456 1.24 -5.64 -35.00
CA SER D 456 2.47 -5.73 -34.24
C SER D 456 3.12 -4.36 -34.08
N VAL D 457 3.14 -3.56 -35.15
CA VAL D 457 3.73 -2.23 -35.08
C VAL D 457 2.95 -1.35 -34.11
N LEU D 458 1.61 -1.45 -34.15
CA LEU D 458 0.80 -0.66 -33.22
C LEU D 458 1.04 -1.09 -31.77
N ALA D 459 1.15 -2.39 -31.53
CA ALA D 459 1.42 -2.86 -30.17
C ALA D 459 2.77 -2.39 -29.68
N CYS D 460 3.79 -2.44 -30.54
CA CYS D 460 5.11 -1.95 -30.15
C CYS D 460 5.08 -0.45 -29.88
N ASN D 461 4.33 0.30 -30.69
CA ASN D 461 4.23 1.75 -30.48
C ASN D 461 3.54 2.07 -29.16
N PHE D 462 2.48 1.34 -28.84
CA PHE D 462 1.79 1.56 -27.56
C PHE D 462 2.67 1.18 -26.39
N SER D 463 3.44 0.09 -26.52
CA SER D 463 4.36 -0.29 -25.45
C SER D 463 5.42 0.77 -25.23
N VAL D 464 5.98 1.30 -26.32
CA VAL D 464 6.99 2.36 -26.20
C VAL D 464 6.36 3.62 -25.60
N ILE D 465 5.10 3.89 -25.96
CA ILE D 465 4.41 5.04 -25.39
C ILE D 465 4.29 4.89 -23.87
N LEU D 466 3.85 3.71 -23.42
CA LEU D 466 3.70 3.48 -21.99
C LEU D 466 5.06 3.57 -21.27
N ASN D 467 6.10 3.00 -21.87
CA ASN D 467 7.42 3.04 -21.25
C ASN D 467 7.94 4.47 -21.18
N LEU D 468 7.70 5.27 -22.22
CA LEU D 468 8.14 6.66 -22.21
C LEU D 468 7.37 7.48 -21.19
N ILE D 469 6.07 7.17 -21.01
CA ILE D 469 5.29 7.84 -19.97
C ILE D 469 5.85 7.51 -18.59
N ARG D 470 6.18 6.24 -18.37
CA ARG D 470 6.79 5.84 -17.10
C ARG D 470 8.13 6.55 -16.89
N ALA D 471 8.94 6.66 -17.95
CA ALA D 471 10.23 7.34 -17.83
C ALA D 471 10.05 8.81 -17.53
N ARG D 472 9.07 9.45 -18.18
CA ARG D 472 8.79 10.86 -17.90
C ARG D 472 8.34 11.05 -16.46
N ARG D 473 7.51 10.14 -15.95
CA ARG D 473 7.06 10.24 -14.57
C ARG D 473 8.23 10.10 -13.60
N GLN D 474 9.11 9.12 -13.86
CA GLN D 474 10.28 8.94 -13.00
C GLN D 474 11.20 10.16 -13.05
N LEU D 475 11.40 10.72 -14.24
CA LEU D 475 12.26 11.90 -14.37
C LEU D 475 11.65 13.10 -13.66
N ALA D 476 10.33 13.25 -13.74
CA ALA D 476 9.67 14.35 -13.03
C ALA D 476 9.78 14.18 -11.52
N ASP D 477 9.64 12.94 -11.03
CA ASP D 477 9.83 12.68 -9.61
C ASP D 477 11.26 13.01 -9.17
N LEU D 478 12.24 12.61 -9.97
CA LEU D 478 13.63 12.90 -9.64
C LEU D 478 13.91 14.39 -9.65
N GLU D 479 13.32 15.12 -10.62
CA GLU D 479 13.52 16.56 -10.67
C GLU D 479 12.86 17.25 -9.49
N ASP D 480 11.68 16.78 -9.06
CA ASP D 480 11.04 17.33 -7.88
C ASP D 480 11.87 17.07 -6.63
N ASN D 481 12.44 15.86 -6.53
CA ASN D 481 13.31 15.56 -5.39
C ASN D 481 14.55 16.44 -5.39
N TRP D 482 15.13 16.69 -6.57
CA TRP D 482 16.30 17.56 -6.64
C TRP D 482 15.95 19.00 -6.28
N GLU D 483 14.78 19.47 -6.72
CA GLU D 483 14.34 20.81 -6.34
C GLU D 483 14.12 20.91 -4.84
N THR D 484 13.55 19.87 -4.24
CA THR D 484 13.37 19.86 -2.79
C THR D 484 14.72 19.87 -2.08
N LEU D 485 15.70 19.12 -2.60
CA LEU D 485 17.04 19.14 -2.02
C LEU D 485 17.65 20.52 -2.09
N ASN D 486 17.53 21.19 -3.23
CA ASN D 486 18.07 22.53 -3.37
C ASN D 486 17.38 23.52 -2.43
N ASP D 487 16.06 23.42 -2.30
CA ASP D 487 15.34 24.29 -1.40
C ASP D 487 15.76 24.07 0.05
N ASN D 488 15.92 22.80 0.45
CA ASN D 488 16.35 22.50 1.81
C ASN D 488 17.77 23.00 2.05
N LEU D 489 18.64 22.89 1.05
CA LEU D 489 20.00 23.42 1.19
C LEU D 489 19.99 24.93 1.36
N LYS D 490 19.16 25.62 0.58
CA LYS D 490 19.05 27.07 0.73
C LYS D 490 18.51 27.44 2.11
N VAL D 491 17.54 26.66 2.61
CA VAL D 491 17.01 26.92 3.94
C VAL D 491 18.09 26.72 5.00
N ILE D 492 18.89 25.66 4.86
CA ILE D 492 20.00 25.44 5.79
C ILE D 492 20.98 26.59 5.75
N GLU D 493 21.28 27.09 4.54
CA GLU D 493 22.25 28.17 4.42
C GLU D 493 21.70 29.47 5.01
N LYS D 494 20.39 29.70 4.92
CA LYS D 494 19.83 30.95 5.42
C LYS D 494 19.44 30.86 6.89
N ALA D 495 19.14 29.67 7.41
CA ALA D 495 18.70 29.54 8.79
C ALA D 495 19.89 29.67 9.74
N ASP D 496 19.57 30.04 10.98
CA ASP D 496 20.58 30.18 12.03
C ASP D 496 20.17 29.40 13.27
N ASN D 497 18.88 29.24 13.49
CA ASN D 497 18.38 28.52 14.65
C ASN D 497 18.59 27.02 14.48
N ALA D 498 18.84 26.34 15.60
CA ALA D 498 19.12 24.92 15.55
C ALA D 498 17.88 24.10 15.16
N ALA D 499 16.69 24.53 15.58
CA ALA D 499 15.48 23.79 15.26
C ALA D 499 15.19 23.83 13.77
N GLN D 500 15.31 25.02 13.16
CA GLN D 500 15.07 25.14 11.72
C GLN D 500 16.10 24.36 10.92
N VAL D 501 17.36 24.40 11.36
CA VAL D 501 18.40 23.65 10.66
C VAL D 501 18.13 22.15 10.76
N LYS D 502 17.71 21.68 11.93
CA LYS D 502 17.41 20.26 12.10
C LYS D 502 16.22 19.85 11.24
N ASP D 503 15.17 20.67 11.19
CA ASP D 503 14.00 20.36 10.37
C ASP D 503 14.38 20.33 8.89
N ALA D 504 15.19 21.29 8.45
CA ALA D 504 15.61 21.32 7.05
C ALA D 504 16.49 20.13 6.71
N LEU D 505 17.36 19.72 7.64
CA LEU D 505 18.19 18.53 7.42
C LEU D 505 17.33 17.28 7.33
N THR D 506 16.30 17.18 8.18
CA THR D 506 15.39 16.03 8.11
C THR D 506 14.65 16.00 6.78
N LYS D 507 14.15 17.15 6.33
CA LYS D 507 13.46 17.21 5.05
C LYS D 507 14.40 16.86 3.90
N MET D 508 15.65 17.32 3.97
CA MET D 508 16.61 17.02 2.92
C MET D 508 16.96 15.54 2.89
N ARG D 509 17.10 14.92 4.07
CA ARG D 509 17.37 13.48 4.11
C ARG D 509 16.18 12.69 3.56
N ALA D 510 14.96 13.13 3.89
CA ALA D 510 13.78 12.47 3.34
C ALA D 510 13.71 12.60 1.82
N ALA D 511 14.02 13.78 1.29
CA ALA D 511 14.00 13.98 -0.14
C ALA D 511 15.10 13.18 -0.82
N ALA D 512 16.26 13.03 -0.17
CA ALA D 512 17.33 12.22 -0.73
C ALA D 512 16.95 10.75 -0.75
N LEU D 513 16.34 10.25 0.33
CA LEU D 513 15.85 8.88 0.34
C LEU D 513 14.68 8.66 -0.60
N ASP D 514 13.97 9.72 -0.99
CA ASP D 514 12.87 9.62 -1.94
C ASP D 514 13.34 9.75 -3.38
N ALA D 515 14.65 9.86 -3.61
CA ALA D 515 15.19 9.99 -4.96
C ALA D 515 15.94 8.76 -5.43
N GLN D 516 16.54 7.99 -4.52
CA GLN D 516 17.28 6.80 -4.90
C GLN D 516 16.36 5.60 -5.17
N LYS D 517 15.04 5.77 -5.07
CA LYS D 517 14.11 4.68 -5.31
C LYS D 517 13.99 4.33 -6.78
N GLY D 518 14.48 5.18 -7.68
CA GLY D 518 14.41 4.91 -9.10
C GLY D 518 15.72 4.46 -9.70
N ARG D 523 20.83 -2.86 -13.99
CA ARG D 523 22.05 -2.70 -13.19
C ARG D 523 23.21 -2.23 -14.05
N SER D 524 23.10 -1.00 -14.57
CA SER D 524 24.15 -0.43 -15.38
C SER D 524 25.38 -0.12 -14.52
N PRO D 525 26.57 -0.06 -15.12
CA PRO D 525 27.76 0.30 -14.33
C PRO D 525 27.66 1.67 -13.69
N GLU D 526 27.18 2.68 -14.43
CA GLU D 526 27.00 4.00 -13.84
C GLU D 526 25.98 3.97 -12.70
N MET D 527 24.96 3.14 -12.83
CA MET D 527 23.98 2.94 -11.76
C MET D 527 24.61 2.38 -10.48
N LYS D 528 25.81 1.83 -10.58
CA LYS D 528 26.54 1.37 -9.40
C LYS D 528 27.28 2.50 -8.69
N ASP D 529 27.46 3.65 -9.33
CA ASP D 529 28.06 4.82 -8.69
C ASP D 529 27.04 5.83 -8.22
N PHE D 530 26.06 6.13 -9.07
CA PHE D 530 24.97 7.04 -8.72
C PHE D 530 24.34 6.65 -7.39
N ARG D 531 23.98 5.38 -7.25
CA ARG D 531 23.41 4.92 -5.99
C ARG D 531 24.41 5.08 -4.87
N HIS D 532 25.67 4.76 -5.15
CA HIS D 532 26.73 4.94 -4.14
C HIS D 532 26.85 6.41 -3.79
N GLY D 533 26.71 7.29 -4.76
CA GLY D 533 26.79 8.72 -4.51
C GLY D 533 25.69 9.15 -3.58
N PHE D 534 24.49 8.64 -3.75
CA PHE D 534 23.42 8.95 -2.81
C PHE D 534 23.72 8.44 -1.42
N ASP D 535 24.31 7.26 -1.33
CA ASP D 535 24.69 6.72 -0.02
C ASP D 535 25.70 7.64 0.64
N ILE D 536 26.65 8.16 -0.13
CA ILE D 536 27.60 9.12 0.44
C ILE D 536 26.85 10.36 0.91
N LEU D 537 25.90 10.84 0.11
CA LEU D 537 25.17 12.05 0.48
C LEU D 537 24.41 11.84 1.77
N VAL D 538 23.46 10.91 1.79
CA VAL D 538 22.70 10.63 3.00
C VAL D 538 23.62 10.47 4.19
N GLY D 539 24.73 9.75 4.04
CA GLY D 539 25.65 9.61 5.16
C GLY D 539 26.07 10.96 5.70
N GLN D 540 26.54 11.83 4.80
CA GLN D 540 26.94 13.17 5.22
C GLN D 540 25.80 13.88 5.91
N ILE D 541 24.57 13.73 5.39
CA ILE D 541 23.42 14.35 6.02
C ILE D 541 23.33 13.89 7.46
N ASP D 542 23.43 12.58 7.68
CA ASP D 542 23.42 12.04 9.02
C ASP D 542 24.48 12.72 9.87
N ASP D 543 25.69 12.83 9.32
CA ASP D 543 26.76 13.51 10.07
C ASP D 543 26.29 14.90 10.50
N ALA D 544 25.73 15.66 9.56
CA ALA D 544 25.26 17.00 9.90
C ALA D 544 24.25 16.95 11.03
N LEU D 545 23.31 16.00 10.96
CA LEU D 545 22.33 15.88 12.02
C LEU D 545 23.01 15.64 13.36
N LYS D 546 24.03 14.78 13.36
CA LYS D 546 24.81 14.58 14.58
C LYS D 546 25.35 15.91 15.08
N LEU D 547 25.96 16.68 14.17
CA LEU D 547 26.48 17.99 14.55
C LEU D 547 25.39 18.82 15.21
N ALA D 548 24.17 18.76 14.65
CA ALA D 548 23.08 19.55 15.21
C ALA D 548 22.73 19.08 16.61
N ASN D 549 22.73 17.76 16.81
CA ASN D 549 22.49 17.21 18.15
C ASN D 549 23.61 17.60 19.10
N GLU D 550 24.78 17.98 18.56
CA GLU D 550 25.87 18.48 19.37
C GLU D 550 25.83 19.99 19.56
N GLY D 551 24.97 20.69 18.82
CA GLY D 551 24.86 22.12 18.95
C GLY D 551 25.84 22.93 18.12
N LYS D 552 26.40 22.34 17.07
CA LYS D 552 27.36 23.03 16.19
C LYS D 552 26.59 23.54 14.98
N VAL D 553 26.40 24.86 14.91
CA VAL D 553 25.66 25.45 13.81
C VAL D 553 26.56 25.67 12.61
N LYS D 554 27.59 26.51 12.77
CA LYS D 554 28.50 26.79 11.66
C LYS D 554 29.07 25.50 11.07
N GLU D 555 29.56 24.59 11.92
CA GLU D 555 30.02 23.30 11.41
C GLU D 555 28.97 22.64 10.55
N ALA D 556 27.72 22.57 11.04
CA ALA D 556 26.66 21.99 10.24
C ALA D 556 26.56 22.67 8.88
N GLN D 557 26.63 24.01 8.87
CA GLN D 557 26.58 24.72 7.59
C GLN D 557 27.70 24.24 6.68
N ALA D 558 28.92 24.11 7.22
CA ALA D 558 30.02 23.60 6.42
C ALA D 558 29.67 22.23 5.86
N ALA D 559 29.09 21.38 6.70
CA ALA D 559 28.66 20.06 6.23
C ALA D 559 27.73 20.20 5.04
N ALA D 560 26.75 21.11 5.14
CA ALA D 560 25.85 21.32 4.02
C ALA D 560 26.60 21.73 2.77
N GLU D 561 27.60 22.60 2.93
CA GLU D 561 28.44 22.95 1.81
C GLU D 561 29.04 21.71 1.18
N GLN D 562 29.61 20.84 2.01
CA GLN D 562 30.15 19.59 1.51
C GLN D 562 29.09 18.83 0.73
N LEU D 563 27.87 18.77 1.28
CA LEU D 563 26.77 18.14 0.57
C LEU D 563 26.68 18.69 -0.84
N LYS D 564 26.58 20.02 -0.95
CA LYS D 564 26.49 20.64 -2.27
C LYS D 564 27.63 20.18 -3.15
N THR D 565 28.85 20.15 -2.61
CA THR D 565 29.98 19.72 -3.41
C THR D 565 29.75 18.33 -3.96
N THR D 566 29.35 17.41 -3.09
CA THR D 566 29.06 16.05 -3.53
C THR D 566 28.02 16.06 -4.64
N ARG D 567 27.01 16.92 -4.51
CA ARG D 567 25.96 16.99 -5.53
C ARG D 567 26.58 17.38 -6.86
N ASN D 568 27.44 18.39 -6.84
CA ASN D 568 28.11 18.82 -8.07
C ASN D 568 29.07 17.77 -8.58
N ALA D 569 29.49 16.84 -7.72
CA ALA D 569 30.51 15.86 -8.13
C ALA D 569 29.86 14.64 -8.76
N TYR D 570 28.73 14.19 -8.21
CA TYR D 570 28.13 12.92 -8.61
C TYR D 570 26.74 13.04 -9.20
N ILE D 571 25.87 13.90 -8.68
CA ILE D 571 24.47 13.88 -9.15
C ILE D 571 24.08 14.76 -10.33
N GLN D 572 24.79 15.86 -10.54
CA GLN D 572 24.39 16.76 -11.61
C GLN D 572 24.46 16.07 -12.95
N LYS D 573 25.49 15.26 -13.16
CA LYS D 573 25.67 14.60 -14.45
C LYS D 573 24.55 13.65 -14.82
N TYR D 574 24.06 12.88 -13.86
CA TYR D 574 23.05 11.88 -14.18
C TYR D 574 21.77 12.53 -14.69
N LEU D 575 21.37 13.64 -14.07
CA LEU D 575 20.14 14.29 -14.47
C LEU D 575 20.23 14.79 -15.91
N GLU D 576 21.36 15.39 -16.27
CA GLU D 576 21.52 15.91 -17.63
C GLU D 576 21.47 14.80 -18.66
N ARG D 577 22.11 13.68 -18.37
CA ARG D 577 22.07 12.55 -19.28
C ARG D 577 20.66 12.03 -19.46
N ALA D 578 19.91 11.98 -18.37
CA ALA D 578 18.55 11.47 -18.44
C ALA D 578 17.68 12.36 -19.32
N ARG D 579 17.86 13.66 -19.21
CA ARG D 579 17.03 14.58 -19.99
C ARG D 579 17.22 14.43 -21.50
N SER D 580 18.47 14.49 -21.98
CA SER D 580 18.71 14.42 -23.41
C SER D 580 18.31 13.06 -23.97
N THR D 581 18.65 11.98 -23.24
CA THR D 581 18.29 10.66 -23.74
C THR D 581 16.81 10.62 -24.02
N LEU D 582 16.00 10.80 -22.99
CA LEU D 582 14.55 10.81 -23.15
C LEU D 582 14.16 11.68 -24.34
N ALA D 583 14.76 12.86 -24.43
CA ALA D 583 14.39 13.76 -25.52
C ALA D 583 14.50 13.02 -26.85
N GLU D 584 15.72 12.60 -27.19
CA GLU D 584 15.93 11.87 -28.43
C GLU D 584 14.92 10.75 -28.55
N GLU D 585 14.71 10.00 -27.46
CA GLU D 585 13.78 8.88 -27.53
C GLU D 585 12.46 9.37 -28.07
N THR D 586 11.81 10.28 -27.35
CA THR D 586 10.53 10.81 -27.78
C THR D 586 10.59 11.22 -29.24
N ASP D 587 11.65 11.93 -29.64
CA ASP D 587 11.73 12.37 -31.02
C ASP D 587 11.54 11.17 -31.95
N HIS D 588 12.46 10.21 -31.86
CA HIS D 588 12.35 9.02 -32.70
C HIS D 588 10.96 8.44 -32.60
N LEU D 589 10.42 8.35 -31.39
CA LEU D 589 9.12 7.72 -31.21
C LEU D 589 8.11 8.40 -32.11
N ILE D 590 7.96 9.72 -31.94
CA ILE D 590 7.00 10.45 -32.75
C ILE D 590 7.23 10.17 -34.22
N LEU D 591 8.49 10.20 -34.65
CA LEU D 591 8.75 9.90 -36.05
C LEU D 591 8.08 8.59 -36.42
N LEU D 592 8.49 7.52 -35.75
CA LEU D 592 7.93 6.20 -36.03
C LEU D 592 6.41 6.28 -36.06
N ALA D 593 5.81 6.96 -35.08
CA ALA D 593 4.36 6.97 -34.97
C ALA D 593 3.74 7.55 -36.23
N ILE D 594 4.24 8.72 -36.65
CA ILE D 594 3.76 9.30 -37.89
C ILE D 594 3.87 8.28 -39.01
N MET D 595 5.05 7.68 -39.15
CA MET D 595 5.22 6.70 -40.21
C MET D 595 4.12 5.65 -40.14
N THR D 596 3.88 5.11 -38.96
CA THR D 596 2.90 4.06 -38.79
C THR D 596 1.54 4.55 -39.26
N ILE D 597 1.16 5.76 -38.85
CA ILE D 597 -0.12 6.29 -39.28
C ILE D 597 -0.19 6.27 -40.79
N THR D 598 0.85 6.78 -41.44
CA THR D 598 0.89 6.73 -42.90
C THR D 598 0.62 5.32 -43.39
N PHE D 599 1.39 4.35 -42.89
CA PHE D 599 1.25 3.00 -43.37
C PHE D 599 -0.18 2.52 -43.22
N ALA D 600 -0.81 2.87 -42.09
CA ALA D 600 -2.19 2.45 -41.89
C ALA D 600 -3.07 3.03 -42.97
N VAL D 601 -2.98 4.34 -43.19
CA VAL D 601 -3.80 4.99 -44.21
C VAL D 601 -3.55 4.36 -45.57
N CYS D 602 -2.38 3.72 -45.73
CA CYS D 602 -2.04 3.18 -47.03
C CYS D 602 -2.47 1.73 -47.17
N SER D 603 -2.52 0.98 -46.07
CA SER D 603 -2.79 -0.47 -46.17
C SER D 603 -4.12 -0.95 -45.65
N LEU D 604 -4.78 -0.17 -44.81
CA LEU D 604 -6.11 -0.57 -44.34
C LEU D 604 -7.13 -0.67 -45.47
N PRO D 605 -7.10 0.25 -46.45
CA PRO D 605 -8.08 0.04 -47.51
C PRO D 605 -7.87 -1.29 -48.21
N PHE D 606 -6.62 -1.65 -48.47
CA PHE D 606 -6.34 -2.88 -49.19
C PHE D 606 -6.79 -4.14 -48.42
N THR D 607 -6.51 -4.19 -47.13
CA THR D 607 -6.91 -5.36 -46.35
C THR D 607 -8.42 -5.49 -46.32
N ILE D 608 -9.12 -4.37 -46.20
CA ILE D 608 -10.58 -4.38 -46.18
C ILE D 608 -11.13 -4.91 -47.51
N PHE D 609 -10.53 -4.51 -48.62
CA PHE D 609 -10.97 -5.01 -49.92
C PHE D 609 -10.74 -6.50 -50.00
N ALA D 610 -9.60 -6.96 -49.50
CA ALA D 610 -9.29 -8.38 -49.60
C ALA D 610 -10.33 -9.22 -48.90
N TYR D 611 -10.92 -8.71 -47.82
CA TYR D 611 -11.87 -9.53 -47.07
C TYR D 611 -13.26 -9.47 -47.71
N MET D 612 -13.53 -8.44 -48.51
CA MET D 612 -14.85 -8.29 -49.11
C MET D 612 -15.03 -9.27 -50.27
N ASN D 613 -16.29 -9.44 -50.67
CA ASN D 613 -16.61 -10.35 -51.77
C ASN D 613 -16.24 -9.74 -53.11
N GLU D 614 -15.53 -10.53 -53.92
CA GLU D 614 -15.03 -10.06 -55.21
C GLU D 614 -16.13 -9.39 -56.02
N THR D 615 -17.26 -10.08 -56.21
CA THR D 615 -18.38 -9.45 -56.88
C THR D 615 -18.60 -8.03 -56.36
N SER D 616 -18.92 -7.90 -55.07
CA SER D 616 -19.16 -6.58 -54.50
C SER D 616 -17.94 -5.69 -54.66
N SER D 617 -16.74 -6.26 -54.50
CA SER D 617 -15.52 -5.48 -54.62
C SER D 617 -15.44 -4.79 -55.97
N ARG D 618 -16.01 -5.41 -57.01
CA ARG D 618 -16.05 -4.75 -58.31
C ARG D 618 -17.28 -3.85 -58.42
N LYS D 619 -18.40 -4.27 -57.83
CA LYS D 619 -19.64 -3.53 -57.96
C LYS D 619 -19.50 -2.12 -57.39
N GLU D 620 -18.79 -2.00 -56.27
CA GLU D 620 -18.52 -0.69 -55.68
C GLU D 620 -17.20 -0.10 -56.14
N LYS D 621 -16.44 -0.81 -56.98
CA LYS D 621 -15.16 -0.34 -57.50
C LYS D 621 -14.21 0.05 -56.37
N TRP D 622 -14.18 -0.76 -55.31
CA TRP D 622 -13.37 -0.43 -54.14
C TRP D 622 -11.89 -0.72 -54.39
N ASP D 623 -11.59 -1.87 -55.01
CA ASP D 623 -10.20 -2.29 -55.17
C ASP D 623 -9.33 -1.20 -55.76
N LEU D 624 -9.73 -0.65 -56.92
CA LEU D 624 -8.97 0.44 -57.51
C LEU D 624 -8.51 1.42 -56.43
N GLN D 625 -9.45 1.94 -55.63
CA GLN D 625 -9.11 2.93 -54.62
C GLN D 625 -7.97 2.42 -53.73
N ALA D 626 -8.16 1.24 -53.14
CA ALA D 626 -7.10 0.69 -52.31
C ALA D 626 -5.76 0.72 -53.04
N LEU D 627 -5.75 0.22 -54.28
CA LEU D 627 -4.49 0.21 -55.03
C LEU D 627 -3.89 1.60 -55.10
N ARG D 628 -4.72 2.59 -55.44
CA ARG D 628 -4.24 3.95 -55.52
C ARG D 628 -3.59 4.36 -54.20
N PHE D 629 -4.24 4.04 -53.09
CA PHE D 629 -3.64 4.35 -51.80
C PHE D 629 -2.27 3.71 -51.69
N LEU D 630 -2.19 2.41 -51.97
CA LEU D 630 -0.89 1.74 -51.93
C LEU D 630 0.13 2.55 -52.71
N SER D 631 -0.26 3.01 -53.90
CA SER D 631 0.68 3.74 -54.74
C SER D 631 1.13 5.03 -54.07
N ILE D 632 0.18 5.80 -53.55
CA ILE D 632 0.55 7.06 -52.93
C ILE D 632 1.38 6.80 -51.69
N ASN D 633 1.37 5.56 -51.20
CA ASN D 633 2.26 5.19 -50.11
C ASN D 633 3.70 5.55 -50.46
N SER D 634 4.14 5.17 -51.67
CA SER D 634 5.52 5.43 -52.06
C SER D 634 5.82 6.93 -52.11
N ILE D 635 4.79 7.76 -52.20
CA ILE D 635 5.01 9.20 -52.18
C ILE D 635 5.03 9.70 -50.75
N ILE D 636 4.21 9.11 -49.88
CA ILE D 636 3.99 9.69 -48.56
C ILE D 636 5.08 9.24 -47.58
N ASP D 637 5.64 8.05 -47.81
CA ASP D 637 6.66 7.53 -46.91
C ASP D 637 7.89 8.42 -46.80
N PRO D 638 8.55 8.86 -47.89
CA PRO D 638 9.75 9.69 -47.71
C PRO D 638 9.46 11.12 -47.29
N TRP D 639 8.45 11.75 -47.88
CA TRP D 639 8.25 13.19 -47.68
C TRP D 639 7.99 13.53 -46.22
N VAL D 640 7.20 12.71 -45.52
CA VAL D 640 6.94 13.00 -44.12
C VAL D 640 8.23 13.15 -43.35
N PHE D 641 9.28 12.42 -43.73
CA PHE D 641 10.57 12.56 -43.07
C PHE D 641 11.10 13.99 -43.21
N ALA D 642 11.13 14.51 -44.43
CA ALA D 642 11.52 15.90 -44.64
C ALA D 642 10.57 16.84 -43.91
N ILE D 643 9.35 16.38 -43.64
CA ILE D 643 8.41 17.19 -42.86
C ILE D 643 8.87 17.28 -41.42
N LEU D 644 9.40 16.19 -40.87
CA LEU D 644 9.86 16.15 -39.48
C LEU D 644 11.35 16.50 -39.42
N ARG D 645 11.60 17.80 -39.43
CA ARG D 645 12.96 18.33 -39.37
C ARG D 645 13.48 18.23 -37.95
N PRO D 646 14.79 18.34 -37.75
CA PRO D 646 15.36 18.33 -36.39
C PRO D 646 14.74 19.39 -35.50
N PRO D 647 14.38 20.60 -36.02
CA PRO D 647 13.61 21.50 -35.14
C PRO D 647 12.18 21.00 -34.91
N VAL D 648 12.08 19.91 -34.14
CA VAL D 648 10.80 19.29 -33.83
C VAL D 648 10.44 19.45 -32.36
N LEU D 649 11.21 20.26 -31.63
CA LEU D 649 11.00 20.42 -30.18
C LEU D 649 9.58 20.85 -29.87
N ARG D 650 8.97 21.68 -30.75
CA ARG D 650 7.59 22.06 -30.55
C ARG D 650 6.72 20.83 -30.27
N LEU D 651 6.82 19.81 -31.13
CA LEU D 651 6.02 18.61 -30.93
C LEU D 651 6.40 17.88 -29.63
N MET D 652 7.69 17.88 -29.30
CA MET D 652 8.12 17.30 -28.04
C MET D 652 7.47 18.02 -26.85
N ARG D 653 7.04 19.27 -27.07
CA ARG D 653 6.34 20.00 -26.03
C ARG D 653 4.98 19.36 -25.74
N SER D 654 4.32 18.85 -26.78
CA SER D 654 3.01 18.23 -26.66
C SER D 654 1.99 19.15 -26.00
#